data_6M6Z
#
_entry.id   6M6Z
#
_cell.length_a   1.00
_cell.length_b   1.00
_cell.length_c   1.00
_cell.angle_alpha   90.00
_cell.angle_beta   90.00
_cell.angle_gamma   90.00
#
_symmetry.space_group_name_H-M   'P 1'
#
_entity_poly.entity_id   1
_entity_poly.type   'polypeptide(L)'
_entity_poly.pdbx_seq_one_letter_code
;SAEELLRRSREYLKKVALIQLVIAFVFLILLILLSWRSEELIRELEEKGAASEAELARMKQQHMTAYLQAALTAWEIISK
SVIALLLLQQNQLNLELNTDTDKNVAEELLRRSREYLKKVALIQLVIAFVFLILLILLSWRSEELIRELEEKGAASEAEL
ARMKQQHMTAYLQAALTAWEIISKSVIALLLLQQNQLNLELRH
;
_entity_poly.pdbx_strand_id   A,B,C,D
#
# COMPACT_ATOMS: atom_id res chain seq x y z
N SER A 1 -26.95 -7.67 -31.65
CA SER A 1 -26.85 -7.28 -30.23
C SER A 1 -25.48 -6.65 -29.82
N ALA A 2 -24.35 -7.29 -30.19
CA ALA A 2 -22.99 -6.86 -29.82
C ALA A 2 -22.61 -5.49 -30.32
N GLU A 3 -23.01 -5.11 -31.51
CA GLU A 3 -22.57 -3.83 -32.04
C GLU A 3 -23.10 -2.65 -31.24
N GLU A 4 -24.35 -2.71 -30.83
CA GLU A 4 -24.92 -1.62 -30.05
C GLU A 4 -24.40 -1.66 -28.63
N LEU A 5 -24.20 -2.84 -28.09
CA LEU A 5 -23.70 -2.93 -26.73
C LEU A 5 -22.27 -2.43 -26.66
N LEU A 6 -21.49 -2.71 -27.69
CA LEU A 6 -20.12 -2.25 -27.80
C LEU A 6 -20.09 -0.75 -27.95
N ARG A 7 -21.03 -0.19 -28.72
CA ARG A 7 -21.09 1.25 -28.87
C ARG A 7 -21.37 1.91 -27.53
N ARG A 8 -22.31 1.34 -26.77
CA ARG A 8 -22.64 1.90 -25.45
C ARG A 8 -21.47 1.80 -24.50
N SER A 9 -20.75 0.68 -24.57
CA SER A 9 -19.58 0.44 -23.74
C SER A 9 -18.49 1.44 -24.08
N ARG A 10 -18.28 1.68 -25.38
CA ARG A 10 -17.29 2.63 -25.84
C ARG A 10 -17.62 4.03 -25.37
N GLU A 11 -18.91 4.42 -25.45
CA GLU A 11 -19.27 5.75 -25.01
C GLU A 11 -19.05 5.89 -23.51
N TYR A 12 -19.34 4.86 -22.72
CA TYR A 12 -19.09 4.94 -21.30
C TYR A 12 -17.62 5.05 -21.01
N LEU A 13 -16.78 4.27 -21.71
CA LEU A 13 -15.35 4.36 -21.46
C LEU A 13 -14.89 5.79 -21.74
N LYS A 14 -15.39 6.42 -22.82
CA LYS A 14 -15.01 7.80 -23.09
C LYS A 14 -15.47 8.71 -21.96
N LYS A 15 -16.68 8.50 -21.41
CA LYS A 15 -17.16 9.33 -20.31
C LYS A 15 -16.23 9.18 -19.12
N VAL A 16 -15.74 7.97 -18.88
CA VAL A 16 -14.83 7.75 -17.78
C VAL A 16 -13.55 8.49 -18.02
N ALA A 17 -13.04 8.47 -19.26
CA ALA A 17 -11.82 9.22 -19.55
C ALA A 17 -12.05 10.70 -19.26
N LEU A 18 -13.24 11.22 -19.58
CA LEU A 18 -13.51 12.63 -19.32
C LEU A 18 -13.51 12.88 -17.82
N ILE A 19 -14.02 11.94 -17.03
CA ILE A 19 -14.02 12.06 -15.59
C ILE A 19 -12.58 12.12 -15.10
N GLN A 20 -11.73 11.24 -15.62
CA GLN A 20 -10.32 11.24 -15.22
C GLN A 20 -9.66 12.56 -15.54
N LEU A 21 -9.97 13.13 -16.70
CA LEU A 21 -9.39 14.40 -17.06
C LEU A 21 -9.87 15.49 -16.12
N VAL A 22 -11.14 15.44 -15.73
CA VAL A 22 -11.67 16.42 -14.80
C VAL A 22 -10.99 16.28 -13.46
N ILE A 23 -10.78 15.07 -12.97
CA ILE A 23 -10.12 14.92 -11.69
C ILE A 23 -8.70 15.45 -11.75
N ALA A 24 -7.95 15.12 -12.82
CA ALA A 24 -6.59 15.61 -12.94
C ALA A 24 -6.56 17.13 -12.97
N PHE A 25 -7.53 17.74 -13.66
CA PHE A 25 -7.66 19.18 -13.73
C PHE A 25 -7.88 19.75 -12.36
N VAL A 26 -8.83 19.19 -11.61
CA VAL A 26 -9.12 19.70 -10.29
C VAL A 26 -7.92 19.57 -9.42
N PHE A 27 -7.22 18.43 -9.48
CA PHE A 27 -6.04 18.32 -8.67
C PHE A 27 -5.06 19.42 -8.96
N LEU A 28 -4.75 19.65 -10.22
CA LEU A 28 -3.76 20.65 -10.53
C LEU A 28 -4.19 22.05 -10.13
N ILE A 29 -5.46 22.39 -10.34
CA ILE A 29 -5.90 23.72 -9.98
C ILE A 29 -5.90 23.87 -8.47
N LEU A 30 -6.38 22.86 -7.78
CA LEU A 30 -6.43 22.87 -6.33
C LEU A 30 -5.02 22.93 -5.75
N LEU A 31 -4.08 22.19 -6.35
CA LEU A 31 -2.70 22.17 -5.89
C LEU A 31 -2.13 23.58 -5.96
N ILE A 32 -2.36 24.24 -7.09
CA ILE A 32 -1.86 25.58 -7.30
C ILE A 32 -2.50 26.60 -6.40
N LEU A 33 -3.83 26.56 -6.26
CA LEU A 33 -4.48 27.54 -5.43
C LEU A 33 -4.12 27.39 -3.96
N LEU A 34 -4.01 26.16 -3.48
CA LEU A 34 -3.69 25.96 -2.09
C LEU A 34 -2.25 26.40 -1.87
N SER A 35 -1.36 26.13 -2.84
CA SER A 35 0.03 26.52 -2.73
C SER A 35 0.15 28.02 -2.68
N TRP A 36 -0.62 28.72 -3.53
CA TRP A 36 -0.60 30.17 -3.56
C TRP A 36 -0.98 30.71 -2.21
N ARG A 37 -2.04 30.16 -1.62
CA ARG A 37 -2.45 30.63 -0.32
C ARG A 37 -1.35 30.39 0.71
N SER A 38 -0.67 29.25 0.66
CA SER A 38 0.40 28.97 1.62
C SER A 38 1.56 29.94 1.45
N GLU A 39 1.92 30.27 0.21
CA GLU A 39 3.02 31.19 -0.02
C GLU A 39 2.65 32.57 0.49
N GLU A 40 1.41 32.97 0.26
CA GLU A 40 0.97 34.27 0.71
C GLU A 40 0.93 34.34 2.23
N LEU A 41 0.53 33.26 2.91
CA LEU A 41 0.51 33.28 4.36
C LEU A 41 1.91 33.38 4.92
N ILE A 42 2.86 32.68 4.32
CA ILE A 42 4.22 32.75 4.82
C ILE A 42 4.75 34.14 4.59
N ARG A 43 4.48 34.71 3.40
CA ARG A 43 4.93 36.04 3.08
C ARG A 43 4.37 37.02 4.11
N GLU A 44 3.10 36.87 4.50
CA GLU A 44 2.56 37.74 5.52
C GLU A 44 3.26 37.56 6.84
N LEU A 45 3.59 36.32 7.22
CA LEU A 45 4.22 36.17 8.52
C LEU A 45 5.58 36.84 8.53
N GLU A 46 6.30 36.74 7.41
CA GLU A 46 7.61 37.32 7.29
C GLU A 46 7.55 38.84 7.35
N GLU A 47 6.58 39.44 6.67
CA GLU A 47 6.40 40.90 6.65
C GLU A 47 5.86 41.43 7.99
N LYS A 48 5.00 40.64 8.64
CA LYS A 48 4.40 40.99 9.92
C LYS A 48 5.36 40.82 11.10
N GLY A 49 6.37 39.94 10.96
CA GLY A 49 7.28 39.67 12.07
C GLY A 49 6.66 38.68 13.04
N ALA A 50 5.80 37.82 12.49
CA ALA A 50 5.06 36.81 13.23
C ALA A 50 5.88 35.57 13.57
N ALA A 51 7.03 35.41 12.93
CA ALA A 51 7.85 34.22 13.11
C ALA A 51 9.33 34.56 12.91
N SER A 52 10.21 33.77 13.52
CA SER A 52 11.65 33.96 13.36
C SER A 52 12.06 33.48 12.00
N GLU A 53 13.27 33.82 11.57
CA GLU A 53 13.70 33.38 10.26
C GLU A 53 13.76 31.87 10.20
N ALA A 54 14.20 31.21 11.27
CA ALA A 54 14.29 29.76 11.26
C ALA A 54 12.91 29.16 11.18
N GLU A 55 11.95 29.75 11.88
CA GLU A 55 10.59 29.22 11.82
C GLU A 55 10.02 29.39 10.43
N LEU A 56 10.30 30.52 9.78
CA LEU A 56 9.81 30.76 8.44
C LEU A 56 10.45 29.82 7.46
N ALA A 57 11.74 29.56 7.61
CA ALA A 57 12.40 28.64 6.70
C ALA A 57 11.85 27.26 6.85
N ARG A 58 11.56 26.84 8.09
CA ARG A 58 11.02 25.51 8.28
C ARG A 58 9.63 25.41 7.68
N MET A 59 8.82 26.46 7.83
CA MET A 59 7.48 26.45 7.26
C MET A 59 7.54 26.41 5.74
N LYS A 60 8.50 27.10 5.14
CA LYS A 60 8.67 27.08 3.70
C LYS A 60 9.07 25.68 3.26
N GLN A 61 9.93 25.02 4.03
CA GLN A 61 10.30 23.66 3.66
C GLN A 61 9.12 22.71 3.78
N GLN A 62 8.29 22.88 4.80
CA GLN A 62 7.14 22.01 5.01
C GLN A 62 6.16 22.18 3.86
N HIS A 63 6.00 23.43 3.42
CA HIS A 63 5.15 23.78 2.30
C HIS A 63 5.62 23.10 1.04
N MET A 64 6.91 23.25 0.73
CA MET A 64 7.45 22.67 -0.47
C MET A 64 7.39 21.16 -0.45
N THR A 65 7.63 20.57 0.72
CA THR A 65 7.60 19.13 0.82
C THR A 65 6.21 18.63 0.59
N ALA A 66 5.21 19.26 1.23
CA ALA A 66 3.84 18.83 1.08
C ALA A 66 3.38 18.98 -0.35
N TYR A 67 3.84 20.04 -1.01
CA TYR A 67 3.48 20.32 -2.39
C TYR A 67 3.93 19.17 -3.26
N LEU A 68 5.19 18.77 -3.08
CA LEU A 68 5.73 17.68 -3.86
C LEU A 68 5.06 16.38 -3.53
N GLN A 69 4.75 16.13 -2.26
CA GLN A 69 4.12 14.87 -1.92
C GLN A 69 2.77 14.77 -2.61
N ALA A 70 2.03 15.88 -2.62
CA ALA A 70 0.75 15.88 -3.28
C ALA A 70 0.91 15.67 -4.77
N ALA A 71 1.92 16.30 -5.35
CA ALA A 71 2.15 16.17 -6.77
C ALA A 71 2.50 14.73 -7.12
N LEU A 72 3.32 14.09 -6.29
CA LEU A 72 3.69 12.70 -6.50
C LEU A 72 2.53 11.77 -6.35
N THR A 73 1.68 12.02 -5.36
CA THR A 73 0.54 11.18 -5.15
C THR A 73 -0.36 11.28 -6.36
N ALA A 74 -0.58 12.51 -6.82
CA ALA A 74 -1.42 12.70 -7.97
C ALA A 74 -0.80 12.07 -9.17
N TRP A 75 0.50 12.18 -9.34
CA TRP A 75 1.14 11.60 -10.50
C TRP A 75 0.96 10.12 -10.52
N GLU A 76 1.07 9.44 -9.37
CA GLU A 76 0.84 8.01 -9.37
C GLU A 76 -0.60 7.71 -9.79
N ILE A 77 -1.55 8.50 -9.27
CA ILE A 77 -2.95 8.30 -9.58
C ILE A 77 -3.23 8.54 -11.06
N ILE A 78 -2.66 9.61 -11.60
CA ILE A 78 -2.84 10.00 -12.99
C ILE A 78 -2.24 8.97 -13.89
N SER A 79 -1.00 8.53 -13.62
CA SER A 79 -0.42 7.53 -14.48
C SER A 79 -1.17 6.23 -14.38
N LYS A 80 -1.64 5.87 -13.18
CA LYS A 80 -2.38 4.64 -13.04
C LYS A 80 -3.70 4.72 -13.75
N SER A 81 -4.38 5.84 -13.64
CA SER A 81 -5.66 5.94 -14.29
C SER A 81 -5.50 5.95 -15.79
N VAL A 82 -4.50 6.65 -16.29
CA VAL A 82 -4.27 6.74 -17.71
C VAL A 82 -3.82 5.43 -18.31
N ILE A 83 -2.93 4.71 -17.63
CA ILE A 83 -2.46 3.45 -18.17
C ILE A 83 -3.64 2.49 -18.10
N ALA A 84 -4.50 2.61 -17.06
CA ALA A 84 -5.67 1.78 -17.01
C ALA A 84 -6.57 2.13 -18.17
N LEU A 85 -6.70 3.41 -18.54
CA LEU A 85 -7.56 3.75 -19.68
C LEU A 85 -7.03 3.11 -20.94
N LEU A 86 -5.72 3.05 -21.08
CA LEU A 86 -5.13 2.41 -22.25
C LEU A 86 -5.41 0.91 -22.24
N LEU A 87 -5.30 0.24 -21.08
CA LEU A 87 -5.59 -1.18 -21.00
C LEU A 87 -7.07 -1.46 -21.26
N LEU A 88 -7.91 -0.60 -20.72
CA LEU A 88 -9.34 -0.67 -20.84
C LEU A 88 -9.70 -0.45 -22.30
N GLN A 89 -8.95 0.43 -22.97
CA GLN A 89 -9.16 0.63 -24.38
C GLN A 89 -8.77 -0.62 -25.12
N GLN A 90 -7.70 -1.33 -24.69
CA GLN A 90 -7.36 -2.58 -25.36
C GLN A 90 -8.43 -3.62 -25.12
N ASN A 91 -9.06 -3.62 -23.95
CA ASN A 91 -10.09 -4.60 -23.76
C ASN A 91 -11.28 -4.26 -24.68
N GLN A 92 -11.56 -2.95 -24.84
CA GLN A 92 -12.66 -2.49 -25.69
C GLN A 92 -12.33 -2.83 -27.13
N LEU A 93 -11.06 -2.72 -27.47
CA LEU A 93 -10.54 -3.03 -28.78
C LEU A 93 -10.79 -4.48 -29.08
N ASN A 94 -10.45 -5.35 -28.14
CA ASN A 94 -10.62 -6.76 -28.37
C ASN A 94 -12.08 -7.14 -28.48
N LEU A 95 -12.95 -6.52 -27.70
CA LEU A 95 -14.34 -6.85 -27.79
C LEU A 95 -14.89 -6.47 -29.16
N GLU A 96 -14.44 -5.33 -29.70
CA GLU A 96 -14.86 -4.92 -31.03
C GLU A 96 -14.21 -5.76 -32.11
N LEU A 97 -12.94 -6.14 -31.95
CA LEU A 97 -12.22 -6.95 -32.93
C LEU A 97 -12.81 -8.34 -33.07
N ASN A 98 -13.38 -8.83 -31.99
CA ASN A 98 -13.99 -10.14 -31.94
C ASN A 98 -15.46 -10.12 -32.36
N THR A 99 -15.94 -8.95 -32.78
CA THR A 99 -17.31 -8.76 -33.22
C THR A 99 -17.29 -8.34 -34.68
N ASP A 100 -16.64 -7.21 -34.95
CA ASP A 100 -16.46 -6.74 -36.29
C ASP A 100 -15.11 -7.26 -36.71
N THR A 101 -15.11 -8.33 -37.47
CA THR A 101 -13.91 -9.05 -37.81
C THR A 101 -13.33 -8.59 -39.13
N ASP A 102 -13.88 -7.52 -39.69
CA ASP A 102 -13.37 -6.99 -40.94
C ASP A 102 -11.95 -6.51 -40.70
N LYS A 103 -11.02 -7.03 -41.49
CA LYS A 103 -9.61 -6.71 -41.36
C LYS A 103 -9.37 -5.21 -41.51
N ASN A 104 -10.14 -4.55 -42.38
CA ASN A 104 -9.91 -3.12 -42.57
C ASN A 104 -10.29 -2.33 -41.33
N VAL A 105 -11.30 -2.81 -40.61
CA VAL A 105 -11.75 -2.18 -39.40
C VAL A 105 -10.73 -2.44 -38.33
N ALA A 106 -10.25 -3.69 -38.26
CA ALA A 106 -9.27 -4.04 -37.27
C ALA A 106 -8.02 -3.23 -37.43
N GLU A 107 -7.59 -2.95 -38.67
CA GLU A 107 -6.38 -2.18 -38.82
C GLU A 107 -6.59 -0.75 -38.33
N GLU A 108 -7.75 -0.15 -38.61
CA GLU A 108 -7.99 1.19 -38.11
C GLU A 108 -8.10 1.22 -36.59
N LEU A 109 -8.71 0.21 -35.99
CA LEU A 109 -8.82 0.20 -34.55
C LEU A 109 -7.44 0.06 -33.93
N LEU A 110 -6.61 -0.77 -34.54
CA LEU A 110 -5.25 -1.03 -34.09
C LEU A 110 -4.40 0.22 -34.30
N ARG A 111 -4.62 0.96 -35.38
CA ARG A 111 -3.88 2.18 -35.61
C ARG A 111 -4.20 3.18 -34.52
N ARG A 112 -5.48 3.29 -34.15
CA ARG A 112 -5.90 4.21 -33.11
C ARG A 112 -5.27 3.80 -31.79
N SER A 113 -5.20 2.49 -31.56
CA SER A 113 -4.62 1.97 -30.34
C SER A 113 -3.16 2.36 -30.26
N ARG A 114 -2.43 2.24 -31.38
CA ARG A 114 -1.02 2.60 -31.40
C ARG A 114 -0.85 4.09 -31.12
N GLU A 115 -1.75 4.93 -31.66
CA GLU A 115 -1.62 6.35 -31.40
C GLU A 115 -1.85 6.64 -29.92
N TYR A 116 -2.80 5.95 -29.29
CA TYR A 116 -3.05 6.20 -27.88
C TYR A 116 -1.87 5.72 -27.06
N LEU A 117 -1.30 4.57 -27.42
CA LEU A 117 -0.16 4.00 -26.72
C LEU A 117 1.00 5.00 -26.77
N LYS A 118 1.24 5.60 -27.94
CA LYS A 118 2.28 6.63 -28.04
C LYS A 118 1.96 7.82 -27.16
N LYS A 119 0.71 8.26 -27.17
CA LYS A 119 0.32 9.42 -26.37
C LYS A 119 0.51 9.17 -24.90
N VAL A 120 0.22 7.96 -24.42
CA VAL A 120 0.40 7.68 -23.02
C VAL A 120 1.88 7.73 -22.69
N ALA A 121 2.73 7.17 -23.56
CA ALA A 121 4.15 7.24 -23.30
C ALA A 121 4.59 8.72 -23.21
N LEU A 122 4.02 9.58 -24.06
CA LEU A 122 4.38 11.00 -24.03
C LEU A 122 3.93 11.63 -22.73
N ILE A 123 2.77 11.20 -22.21
CA ILE A 123 2.27 11.72 -20.94
C ILE A 123 3.24 11.35 -19.83
N GLN A 124 3.71 10.10 -19.82
CA GLN A 124 4.66 9.72 -18.79
C GLN A 124 5.96 10.49 -18.90
N LEU A 125 6.40 10.78 -20.13
CA LEU A 125 7.63 11.54 -20.29
C LEU A 125 7.44 12.93 -19.71
N VAL A 126 6.25 13.51 -19.91
CA VAL A 126 5.96 14.81 -19.35
C VAL A 126 5.94 14.72 -17.84
N ILE A 127 5.33 13.67 -17.27
CA ILE A 127 5.30 13.54 -15.82
C ILE A 127 6.71 13.43 -15.27
N ALA A 128 7.56 12.60 -15.89
CA ALA A 128 8.91 12.45 -15.39
C ALA A 128 9.63 13.79 -15.43
N PHE A 129 9.41 14.56 -16.50
CA PHE A 129 10.01 15.86 -16.64
C PHE A 129 9.59 16.80 -15.52
N VAL A 130 8.29 16.91 -15.26
CA VAL A 130 7.86 17.84 -14.23
C VAL A 130 8.30 17.38 -12.85
N PHE A 131 8.39 16.08 -12.61
CA PHE A 131 8.93 15.63 -11.35
C PHE A 131 10.33 16.10 -11.18
N LEU A 132 11.18 15.88 -12.18
CA LEU A 132 12.56 16.26 -12.00
C LEU A 132 12.70 17.75 -11.83
N ILE A 133 11.94 18.54 -12.58
CA ILE A 133 12.09 19.97 -12.43
C ILE A 133 11.62 20.39 -11.05
N LEU A 134 10.50 19.86 -10.61
CA LEU A 134 9.97 20.26 -9.34
C LEU A 134 10.88 19.83 -8.19
N LEU A 135 11.42 18.62 -8.21
CA LEU A 135 12.27 18.24 -7.09
C LEU A 135 13.56 19.05 -7.10
N ILE A 136 14.15 19.27 -8.27
CA ILE A 136 15.40 20.00 -8.35
C ILE A 136 15.19 21.43 -7.88
N LEU A 137 14.10 22.06 -8.32
CA LEU A 137 13.80 23.42 -7.94
C LEU A 137 13.51 23.55 -6.46
N LEU A 138 12.68 22.67 -5.93
CA LEU A 138 12.33 22.78 -4.53
C LEU A 138 13.55 22.49 -3.69
N SER A 139 14.40 21.57 -4.14
CA SER A 139 15.61 21.24 -3.41
C SER A 139 16.53 22.43 -3.36
N TRP A 140 16.71 23.11 -4.48
CA TRP A 140 17.58 24.26 -4.43
C TRP A 140 17.04 25.26 -3.42
N ARG A 141 15.73 25.51 -3.47
CA ARG A 141 15.16 26.48 -2.55
C ARG A 141 15.35 26.05 -1.10
N SER A 142 15.20 24.76 -0.81
CA SER A 142 15.35 24.24 0.54
C SER A 142 16.78 24.46 1.02
N GLU A 143 17.76 24.15 0.16
CA GLU A 143 19.14 24.34 0.56
C GLU A 143 19.43 25.82 0.74
N GLU A 144 18.83 26.67 -0.10
CA GLU A 144 19.06 28.09 0.01
C GLU A 144 18.50 28.63 1.30
N LEU A 145 17.34 28.12 1.75
CA LEU A 145 16.77 28.58 3.02
C LEU A 145 17.65 28.20 4.18
N ILE A 146 18.22 27.00 4.13
CA ILE A 146 19.09 26.58 5.21
C ILE A 146 20.32 27.47 5.20
N ARG A 147 20.89 27.73 4.02
CA ARG A 147 22.05 28.58 3.90
C ARG A 147 21.74 29.97 4.43
N GLU A 148 20.56 30.52 4.11
CA GLU A 148 20.24 31.84 4.61
C GLU A 148 20.30 31.87 6.12
N LEU A 149 19.75 30.86 6.78
CA LEU A 149 19.76 30.86 8.22
C LEU A 149 21.17 30.73 8.76
N GLU A 150 21.98 29.88 8.11
CA GLU A 150 23.34 29.65 8.55
C GLU A 150 24.19 30.92 8.41
N GLU A 151 24.00 31.64 7.31
CA GLU A 151 24.71 32.89 7.01
C GLU A 151 24.34 33.98 8.01
N LYS A 152 23.07 34.02 8.39
CA LYS A 152 22.56 35.01 9.32
C LYS A 152 22.70 34.64 10.79
N GLY A 153 22.89 33.35 11.12
CA GLY A 153 22.99 32.95 12.52
C GLY A 153 21.60 32.85 13.14
N ALA A 154 20.62 32.53 12.32
CA ALA A 154 19.22 32.43 12.72
C ALA A 154 18.87 31.10 13.39
N ALA A 155 19.79 30.14 13.37
CA ALA A 155 19.51 28.82 13.91
C ALA A 155 20.79 28.19 14.47
N SER A 156 20.63 27.29 15.44
CA SER A 156 21.77 26.59 16.04
C SER A 156 22.31 25.56 15.09
N GLU A 157 23.50 25.04 15.38
CA GLU A 157 24.09 24.04 14.52
C GLU A 157 23.26 22.78 14.47
N ALA A 158 22.69 22.38 15.61
CA ALA A 158 21.88 21.18 15.61
C ALA A 158 20.62 21.40 14.80
N GLU A 159 20.04 22.60 14.89
CA GLU A 159 18.84 22.86 14.11
C GLU A 159 19.12 22.83 12.63
N LEU A 160 20.26 23.40 12.22
CA LEU A 160 20.61 23.41 10.83
C LEU A 160 20.90 22.02 10.34
N ALA A 161 21.61 21.22 11.15
CA ALA A 161 21.91 19.87 10.73
C ALA A 161 20.64 19.10 10.54
N ARG A 162 19.66 19.31 11.43
CA ARG A 162 18.41 18.60 11.29
C ARG A 162 17.69 19.04 10.04
N MET A 163 17.67 20.34 9.73
CA MET A 163 16.96 20.75 8.52
C MET A 163 17.60 20.09 7.31
N LYS A 164 18.93 19.99 7.31
CA LYS A 164 19.62 19.40 6.20
C LYS A 164 19.27 17.92 6.10
N GLN A 165 19.23 17.21 7.24
CA GLN A 165 18.91 15.80 7.27
C GLN A 165 17.48 15.49 6.89
N GLN A 166 16.57 16.35 7.32
CA GLN A 166 15.16 16.18 7.06
C GLN A 166 14.90 16.41 5.58
N HIS A 167 15.60 17.39 5.01
CA HIS A 167 15.49 17.66 3.59
C HIS A 167 16.01 16.50 2.78
N MET A 168 17.20 16.01 3.13
CA MET A 168 17.79 14.93 2.37
C MET A 168 16.89 13.71 2.44
N THR A 169 16.28 13.46 3.59
CA THR A 169 15.40 12.32 3.70
C THR A 169 14.22 12.49 2.76
N ALA A 170 13.60 13.67 2.76
CA ALA A 170 12.47 13.90 1.89
C ALA A 170 12.83 13.78 0.42
N TYR A 171 14.02 14.25 0.07
CA TYR A 171 14.53 14.21 -1.29
C TYR A 171 14.64 12.77 -1.74
N LEU A 172 15.23 11.95 -0.88
CA LEU A 172 15.45 10.55 -1.13
C LEU A 172 14.12 9.82 -1.28
N GLN A 173 13.15 10.17 -0.43
CA GLN A 173 11.84 9.55 -0.49
C GLN A 173 11.13 9.92 -1.78
N ALA A 174 11.28 11.18 -2.21
CA ALA A 174 10.67 11.62 -3.44
C ALA A 174 11.24 10.82 -4.59
N ALA A 175 12.55 10.58 -4.55
CA ALA A 175 13.20 9.81 -5.57
C ALA A 175 12.68 8.37 -5.60
N LEU A 176 12.44 7.76 -4.43
CA LEU A 176 11.89 6.40 -4.41
C LEU A 176 10.51 6.37 -5.01
N THR A 177 9.71 7.38 -4.70
CA THR A 177 8.36 7.41 -5.21
C THR A 177 8.35 7.58 -6.72
N ALA A 178 9.17 8.51 -7.23
CA ALA A 178 9.20 8.73 -8.65
C ALA A 178 9.71 7.50 -9.37
N TRP A 179 10.66 6.81 -8.75
CA TRP A 179 11.23 5.61 -9.29
C TRP A 179 10.12 4.60 -9.46
N GLU A 180 9.29 4.40 -8.44
CA GLU A 180 8.19 3.47 -8.59
C GLU A 180 7.21 3.89 -9.67
N ILE A 181 6.90 5.18 -9.78
CA ILE A 181 5.92 5.59 -10.77
C ILE A 181 6.43 5.28 -12.16
N ILE A 182 7.68 5.65 -12.42
CA ILE A 182 8.27 5.45 -13.72
C ILE A 182 8.43 3.99 -14.04
N SER A 183 8.92 3.22 -13.08
CA SER A 183 9.15 1.81 -13.29
C SER A 183 7.85 1.07 -13.58
N LYS A 184 6.81 1.34 -12.81
CA LYS A 184 5.54 0.68 -13.01
C LYS A 184 4.98 1.03 -14.37
N SER A 185 5.13 2.30 -14.75
CA SER A 185 4.63 2.77 -16.01
C SER A 185 5.35 2.15 -17.19
N VAL A 186 6.69 2.06 -17.15
CA VAL A 186 7.37 1.51 -18.30
C VAL A 186 7.09 0.03 -18.47
N ILE A 187 6.95 -0.72 -17.36
CA ILE A 187 6.62 -2.12 -17.52
C ILE A 187 5.23 -2.24 -18.13
N ALA A 188 4.28 -1.44 -17.66
CA ALA A 188 2.95 -1.53 -18.21
C ALA A 188 2.94 -1.20 -19.68
N LEU A 189 3.71 -0.20 -20.10
CA LEU A 189 3.73 0.15 -21.50
C LEU A 189 4.29 -0.98 -22.34
N LEU A 190 5.33 -1.66 -21.84
CA LEU A 190 5.86 -2.74 -22.65
C LEU A 190 4.83 -3.86 -22.76
N LEU A 191 4.13 -4.17 -21.65
CA LEU A 191 3.14 -5.24 -21.71
C LEU A 191 2.08 -4.90 -22.73
N LEU A 192 1.67 -3.65 -22.76
CA LEU A 192 0.67 -3.22 -23.69
C LEU A 192 1.19 -3.31 -25.12
N GLN A 193 2.47 -3.03 -25.34
CA GLN A 193 3.02 -3.16 -26.68
C GLN A 193 3.03 -4.63 -27.12
N GLN A 194 3.32 -5.55 -26.20
CA GLN A 194 3.30 -6.97 -26.56
C GLN A 194 1.87 -7.41 -26.88
N ASN A 195 0.89 -6.88 -26.15
CA ASN A 195 -0.49 -7.25 -26.41
C ASN A 195 -0.87 -6.73 -27.78
N GLN A 196 -0.38 -5.54 -28.11
CA GLN A 196 -0.67 -4.89 -29.37
C GLN A 196 -0.06 -5.68 -30.50
N LEU A 197 1.13 -6.23 -30.30
CA LEU A 197 1.74 -7.01 -31.35
C LEU A 197 0.91 -8.24 -31.63
N ASN A 198 0.43 -8.91 -30.59
CA ASN A 198 -0.37 -10.08 -30.86
C ASN A 198 -1.65 -9.74 -31.58
N LEU A 199 -2.26 -8.62 -31.25
CA LEU A 199 -3.50 -8.30 -31.93
C LEU A 199 -3.25 -8.00 -33.39
N GLU A 200 -2.14 -7.35 -33.70
CA GLU A 200 -1.85 -7.06 -35.09
C GLU A 200 -1.54 -8.34 -35.86
N LEU A 201 -0.79 -9.26 -35.25
CA LEU A 201 -0.41 -10.50 -35.92
C LEU A 201 -1.62 -11.38 -36.17
N ARG A 202 -2.61 -11.29 -35.28
CA ARG A 202 -3.85 -12.06 -35.38
C ARG A 202 -4.93 -11.51 -36.36
N HIS A 203 -4.73 -10.30 -36.94
CA HIS A 203 -5.69 -9.61 -37.84
C HIS A 203 -4.97 -9.11 -39.13
N SER B 1 -23.82 -34.32 -8.79
CA SER B 1 -22.91 -33.79 -7.75
C SER B 1 -22.62 -32.25 -7.84
N ALA B 2 -22.30 -31.74 -9.07
CA ALA B 2 -21.95 -30.33 -9.31
C ALA B 2 -23.03 -29.34 -8.91
N GLU B 3 -24.28 -29.67 -9.13
CA GLU B 3 -25.35 -28.74 -8.82
C GLU B 3 -25.49 -28.48 -7.32
N GLU B 4 -25.36 -29.52 -6.49
CA GLU B 4 -25.46 -29.33 -5.06
C GLU B 4 -24.23 -28.61 -4.54
N LEU B 5 -23.08 -28.89 -5.13
CA LEU B 5 -21.85 -28.24 -4.72
C LEU B 5 -21.93 -26.74 -5.05
N LEU B 6 -22.50 -26.42 -6.22
CA LEU B 6 -22.70 -25.05 -6.63
C LEU B 6 -23.70 -24.37 -5.72
N ARG B 7 -24.74 -25.09 -5.30
CA ARG B 7 -25.71 -24.51 -4.40
C ARG B 7 -25.04 -24.15 -3.09
N ARG B 8 -24.17 -25.04 -2.57
CA ARG B 8 -23.51 -24.73 -1.32
C ARG B 8 -22.62 -23.50 -1.46
N SER B 9 -21.90 -23.38 -2.58
CA SER B 9 -21.01 -22.25 -2.78
C SER B 9 -21.81 -20.96 -2.92
N ARG B 10 -22.95 -21.04 -3.61
CA ARG B 10 -23.81 -19.89 -3.80
C ARG B 10 -24.34 -19.38 -2.48
N GLU B 11 -24.79 -20.31 -1.63
CA GLU B 11 -25.33 -19.95 -0.33
C GLU B 11 -24.23 -19.35 0.54
N TYR B 12 -23.03 -19.91 0.45
CA TYR B 12 -21.91 -19.41 1.21
C TYR B 12 -21.64 -17.96 0.84
N LEU B 13 -21.58 -17.66 -0.46
CA LEU B 13 -21.32 -16.30 -0.88
C LEU B 13 -22.40 -15.35 -0.39
N LYS B 14 -23.67 -15.76 -0.45
CA LYS B 14 -24.71 -14.88 0.06
C LYS B 14 -24.45 -14.57 1.53
N LYS B 15 -24.09 -15.59 2.31
CA LYS B 15 -23.81 -15.38 3.71
C LYS B 15 -22.63 -14.43 3.90
N VAL B 16 -21.60 -14.56 3.08
CA VAL B 16 -20.45 -13.68 3.19
C VAL B 16 -20.86 -12.25 2.93
N ALA B 17 -21.67 -12.04 1.89
CA ALA B 17 -22.12 -10.70 1.58
C ALA B 17 -22.91 -10.10 2.73
N LEU B 18 -23.76 -10.91 3.37
CA LEU B 18 -24.55 -10.41 4.47
C LEU B 18 -23.67 -10.04 5.65
N ILE B 19 -22.63 -10.84 5.88
CA ILE B 19 -21.69 -10.58 6.95
C ILE B 19 -20.99 -9.27 6.70
N GLN B 20 -20.55 -9.03 5.46
CA GLN B 20 -19.88 -7.79 5.16
C GLN B 20 -20.79 -6.59 5.32
N LEU B 21 -22.07 -6.73 5.00
CA LEU B 21 -22.97 -5.61 5.19
C LEU B 21 -23.08 -5.28 6.67
N VAL B 22 -23.11 -6.32 7.50
CA VAL B 22 -23.18 -6.12 8.94
C VAL B 22 -21.91 -5.48 9.45
N ILE B 23 -20.76 -5.92 8.98
CA ILE B 23 -19.53 -5.33 9.46
C ILE B 23 -19.47 -3.88 9.09
N ALA B 24 -19.81 -3.53 7.84
CA ALA B 24 -19.76 -2.14 7.43
C ALA B 24 -20.70 -1.31 8.29
N PHE B 25 -21.87 -1.86 8.62
CA PHE B 25 -22.82 -1.18 9.49
C PHE B 25 -22.18 -0.89 10.82
N VAL B 26 -21.58 -1.91 11.42
CA VAL B 26 -20.99 -1.75 12.72
C VAL B 26 -19.88 -0.73 12.67
N PHE B 27 -19.04 -0.75 11.62
CA PHE B 27 -18.01 0.25 11.51
C PHE B 27 -18.59 1.63 11.52
N LEU B 28 -19.60 1.87 10.69
CA LEU B 28 -20.12 3.21 10.60
C LEU B 28 -20.71 3.63 11.93
N ILE B 29 -21.39 2.73 12.63
CA ILE B 29 -21.96 3.11 13.91
C ILE B 29 -20.86 3.38 14.90
N LEU B 30 -19.81 2.57 14.89
CA LEU B 30 -18.70 2.75 15.79
C LEU B 30 -18.00 4.08 15.51
N LEU B 31 -17.81 4.44 14.24
CA LEU B 31 -17.17 5.72 13.95
C LEU B 31 -18.03 6.85 14.46
N ILE B 32 -19.36 6.74 14.28
CA ILE B 32 -20.26 7.77 14.73
C ILE B 32 -20.20 7.90 16.24
N LEU B 33 -20.21 6.77 16.94
CA LEU B 33 -20.15 6.77 18.39
C LEU B 33 -18.86 7.36 18.91
N LEU B 34 -17.74 6.94 18.36
CA LEU B 34 -16.47 7.41 18.86
C LEU B 34 -16.33 8.89 18.53
N SER B 35 -16.82 9.31 17.36
CA SER B 35 -16.75 10.70 16.96
C SER B 35 -17.58 11.53 17.91
N TRP B 36 -18.77 11.06 18.24
CA TRP B 36 -19.64 11.71 19.18
C TRP B 36 -18.98 11.82 20.54
N ARG B 37 -18.37 10.75 21.03
CA ARG B 37 -17.72 10.85 22.32
C ARG B 37 -16.65 11.94 22.29
N SER B 38 -15.91 12.04 21.19
CA SER B 38 -14.91 13.08 21.06
C SER B 38 -15.57 14.46 21.08
N GLU B 39 -16.68 14.61 20.34
CA GLU B 39 -17.39 15.89 20.33
C GLU B 39 -17.76 16.30 21.74
N GLU B 40 -18.26 15.34 22.52
CA GLU B 40 -18.66 15.61 23.89
C GLU B 40 -17.46 15.96 24.76
N LEU B 41 -16.33 15.31 24.57
CA LEU B 41 -15.17 15.66 25.38
C LEU B 41 -14.71 17.07 25.09
N ILE B 42 -14.70 17.46 23.82
CA ILE B 42 -14.24 18.79 23.48
C ILE B 42 -15.24 19.80 24.01
N ARG B 43 -16.53 19.53 23.83
CA ARG B 43 -17.57 20.42 24.30
C ARG B 43 -17.41 20.66 25.79
N GLU B 44 -17.17 19.60 26.57
CA GLU B 44 -16.98 19.83 27.98
C GLU B 44 -15.72 20.62 28.26
N LEU B 45 -14.63 20.39 27.53
CA LEU B 45 -13.43 21.15 27.86
C LEU B 45 -13.69 22.63 27.62
N GLU B 46 -14.41 22.94 26.55
CA GLU B 46 -14.73 24.32 26.22
C GLU B 46 -15.62 24.98 27.24
N GLU B 47 -16.66 24.28 27.68
CA GLU B 47 -17.59 24.83 28.67
C GLU B 47 -16.96 24.97 30.05
N LYS B 48 -16.07 24.03 30.37
CA LYS B 48 -15.39 24.00 31.66
C LYS B 48 -14.19 24.93 31.72
N GLY B 49 -13.61 25.32 30.57
CA GLY B 49 -12.44 26.18 30.58
C GLY B 49 -11.16 25.39 30.83
N ALA B 50 -11.18 24.12 30.42
CA ALA B 50 -10.07 23.19 30.58
C ALA B 50 -8.97 23.40 29.55
N ALA B 51 -9.26 24.19 28.53
CA ALA B 51 -8.33 24.42 27.44
C ALA B 51 -8.57 25.81 26.85
N SER B 52 -7.52 26.40 26.27
CA SER B 52 -7.66 27.71 25.61
C SER B 52 -8.41 27.55 24.31
N GLU B 53 -8.86 28.65 23.73
CA GLU B 53 -9.61 28.55 22.50
C GLU B 53 -8.77 27.94 21.39
N ALA B 54 -7.48 28.29 21.36
CA ALA B 54 -6.59 27.74 20.33
C ALA B 54 -6.42 26.25 20.53
N GLU B 55 -6.33 25.80 21.77
CA GLU B 55 -6.18 24.38 22.00
C GLU B 55 -7.41 23.62 21.57
N LEU B 56 -8.57 24.20 21.84
CA LEU B 56 -9.82 23.56 21.50
C LEU B 56 -10.01 23.52 20.01
N ALA B 57 -9.65 24.60 19.30
CA ALA B 57 -9.77 24.60 17.87
C ALA B 57 -8.84 23.58 17.24
N ARG B 58 -7.63 23.45 17.78
CA ARG B 58 -6.70 22.47 17.24
C ARG B 58 -7.24 21.07 17.46
N MET B 59 -7.81 20.80 18.65
CA MET B 59 -8.37 19.49 18.93
C MET B 59 -9.55 19.19 18.03
N LYS B 60 -10.36 20.20 17.71
CA LYS B 60 -11.48 20.01 16.82
C LYS B 60 -10.96 19.67 15.43
N GLN B 61 -9.88 20.31 14.99
CA GLN B 61 -9.33 19.97 13.69
C GLN B 61 -8.76 18.55 13.66
N GLN B 62 -8.11 18.14 14.76
CA GLN B 62 -7.52 16.81 14.84
C GLN B 62 -8.62 15.76 14.79
N HIS B 63 -9.73 16.06 15.47
CA HIS B 63 -10.90 15.20 15.50
C HIS B 63 -11.46 15.04 14.11
N MET B 64 -11.67 16.15 13.41
CA MET B 64 -12.22 16.09 12.07
C MET B 64 -11.31 15.34 11.12
N THR B 65 -10.01 15.54 11.26
CA THR B 65 -9.06 14.87 10.39
C THR B 65 -9.12 13.38 10.61
N ALA B 66 -9.10 12.96 11.87
CA ALA B 66 -9.14 11.54 12.17
C ALA B 66 -10.43 10.92 11.70
N TYR B 67 -11.53 11.65 11.84
CA TYR B 67 -12.84 11.17 11.45
C TYR B 67 -12.85 10.86 9.98
N LEU B 68 -12.36 11.81 9.19
CA LEU B 68 -12.35 11.64 7.76
C LEU B 68 -11.40 10.55 7.36
N GLN B 69 -10.25 10.45 8.01
CA GLN B 69 -9.31 9.42 7.63
C GLN B 69 -9.90 8.05 7.89
N ALA B 70 -10.63 7.90 9.01
CA ALA B 70 -11.28 6.63 9.28
C ALA B 70 -12.34 6.35 8.25
N ALA B 71 -13.08 7.38 7.85
CA ALA B 71 -14.13 7.21 6.86
C ALA B 71 -13.53 6.79 5.53
N LEU B 72 -12.40 7.39 5.16
CA LEU B 72 -11.72 7.07 3.92
C LEU B 72 -11.18 5.67 3.94
N THR B 73 -10.63 5.25 5.08
CA THR B 73 -10.10 3.92 5.19
C THR B 73 -11.23 2.93 5.02
N ALA B 74 -12.34 3.19 5.71
CA ALA B 74 -13.45 2.29 5.58
C ALA B 74 -13.97 2.30 4.18
N TRP B 75 -14.01 3.45 3.52
CA TRP B 75 -14.51 3.47 2.17
C TRP B 75 -13.64 2.66 1.26
N GLU B 76 -12.32 2.69 1.44
CA GLU B 76 -11.49 1.85 0.60
C GLU B 76 -11.86 0.38 0.84
N ILE B 77 -12.05 0.00 2.11
CA ILE B 77 -12.39 -1.37 2.48
C ILE B 77 -13.75 -1.77 1.94
N ILE B 78 -14.72 -0.89 2.09
CA ILE B 78 -16.09 -1.10 1.69
C ILE B 78 -16.18 -1.20 0.20
N SER B 79 -15.56 -0.30 -0.54
CA SER B 79 -15.64 -0.42 -1.98
C SER B 79 -14.89 -1.66 -2.43
N LYS B 80 -13.79 -2.00 -1.77
CA LYS B 80 -13.07 -3.20 -2.16
C LYS B 80 -13.89 -4.43 -1.85
N SER B 81 -14.54 -4.45 -0.70
CA SER B 81 -15.34 -5.58 -0.31
C SER B 81 -16.51 -5.74 -1.25
N VAL B 82 -17.20 -4.65 -1.55
CA VAL B 82 -18.36 -4.70 -2.41
C VAL B 82 -18.00 -5.08 -3.83
N ILE B 83 -16.92 -4.52 -4.38
CA ILE B 83 -16.57 -4.85 -5.72
C ILE B 83 -16.07 -6.30 -5.74
N ALA B 84 -15.39 -6.74 -4.67
CA ALA B 84 -14.95 -8.12 -4.59
C ALA B 84 -16.14 -9.04 -4.56
N LEU B 85 -17.22 -8.65 -3.87
CA LEU B 85 -18.40 -9.49 -3.84
C LEU B 85 -18.99 -9.58 -5.21
N LEU B 86 -18.98 -8.48 -5.95
CA LEU B 86 -19.52 -8.49 -7.31
C LEU B 86 -18.66 -9.41 -8.19
N LEU B 87 -17.34 -9.38 -8.03
CA LEU B 87 -16.48 -10.26 -8.78
C LEU B 87 -16.73 -11.72 -8.40
N LEU B 88 -16.92 -11.98 -7.11
CA LEU B 88 -17.21 -13.32 -6.61
C LEU B 88 -18.53 -13.78 -7.17
N GLN B 89 -19.49 -12.86 -7.34
CA GLN B 89 -20.76 -13.20 -7.94
C GLN B 89 -20.53 -13.58 -9.39
N GLN B 90 -19.64 -12.87 -10.11
CA GLN B 90 -19.35 -13.27 -11.48
C GLN B 90 -18.61 -14.59 -11.52
N ASN B 91 -17.78 -14.86 -10.53
CA ASN B 91 -17.10 -16.14 -10.56
C ASN B 91 -18.12 -17.25 -10.34
N GLN B 92 -19.09 -17.02 -9.46
CA GLN B 92 -20.13 -17.99 -9.16
C GLN B 92 -21.04 -18.15 -10.37
N LEU B 93 -21.26 -17.04 -11.07
CA LEU B 93 -22.05 -16.98 -12.27
C LEU B 93 -21.44 -17.90 -13.28
N ASN B 94 -20.13 -17.78 -13.50
CA ASN B 94 -19.47 -18.63 -14.48
C ASN B 94 -19.45 -20.08 -14.05
N LEU B 95 -19.35 -20.36 -12.75
CA LEU B 95 -19.34 -21.74 -12.35
C LEU B 95 -20.66 -22.39 -12.71
N GLU B 96 -21.76 -21.65 -12.50
CA GLU B 96 -23.07 -22.18 -12.82
C GLU B 96 -23.38 -22.13 -14.31
N LEU B 97 -22.94 -21.10 -15.04
CA LEU B 97 -23.21 -20.98 -16.47
C LEU B 97 -22.59 -22.10 -17.26
N ASN B 98 -21.43 -22.56 -16.80
CA ASN B 98 -20.71 -23.62 -17.48
C ASN B 98 -21.05 -25.00 -16.95
N THR B 99 -22.07 -25.10 -16.10
CA THR B 99 -22.54 -26.36 -15.54
C THR B 99 -23.98 -26.53 -16.00
N ASP B 100 -24.83 -25.58 -15.61
CA ASP B 100 -26.20 -25.57 -16.06
C ASP B 100 -26.20 -24.66 -17.27
N THR B 101 -26.19 -25.27 -18.43
CA THR B 101 -26.02 -24.54 -19.66
C THR B 101 -27.35 -24.14 -20.28
N ASP B 102 -28.44 -24.37 -19.54
CA ASP B 102 -29.76 -23.97 -20.03
C ASP B 102 -29.77 -22.46 -20.19
N LYS B 103 -30.05 -22.00 -21.41
CA LYS B 103 -30.03 -20.58 -21.70
C LYS B 103 -30.97 -19.81 -20.79
N ASN B 104 -32.10 -20.42 -20.40
CA ASN B 104 -33.03 -19.69 -19.55
C ASN B 104 -32.47 -19.46 -18.15
N VAL B 105 -31.60 -20.37 -17.68
CA VAL B 105 -30.99 -20.22 -16.38
C VAL B 105 -29.93 -19.19 -16.52
N ALA B 106 -29.19 -19.27 -17.62
CA ALA B 106 -28.15 -18.31 -17.86
C ALA B 106 -28.75 -16.93 -17.91
N GLU B 107 -29.92 -16.78 -18.52
CA GLU B 107 -30.53 -15.48 -18.60
C GLU B 107 -30.95 -15.01 -17.22
N GLU B 108 -31.49 -15.88 -16.38
CA GLU B 108 -31.83 -15.41 -15.05
C GLU B 108 -30.59 -14.96 -14.30
N LEU B 109 -29.51 -15.75 -14.38
CA LEU B 109 -28.30 -15.42 -13.66
C LEU B 109 -27.66 -14.14 -14.17
N LEU B 110 -27.68 -13.95 -15.49
CA LEU B 110 -27.11 -12.79 -16.14
C LEU B 110 -27.91 -11.54 -15.85
N ARG B 111 -29.24 -11.65 -15.79
CA ARG B 111 -30.03 -10.48 -15.45
C ARG B 111 -29.76 -10.06 -14.02
N ARG B 112 -29.63 -11.03 -13.10
CA ARG B 112 -29.38 -10.69 -11.71
C ARG B 112 -28.02 -10.02 -11.59
N SER B 113 -27.02 -10.53 -12.32
CA SER B 113 -25.69 -9.98 -12.29
C SER B 113 -25.71 -8.55 -12.79
N ARG B 114 -26.42 -8.30 -13.89
CA ARG B 114 -26.51 -6.98 -14.45
C ARG B 114 -27.11 -6.01 -13.45
N GLU B 115 -28.14 -6.44 -12.71
CA GLU B 115 -28.73 -5.56 -11.71
C GLU B 115 -27.74 -5.31 -10.57
N TYR B 116 -26.96 -6.32 -10.20
CA TYR B 116 -25.99 -6.17 -9.11
C TYR B 116 -24.92 -5.19 -9.52
N LEU B 117 -24.52 -5.24 -10.79
CA LEU B 117 -23.50 -4.37 -11.34
C LEU B 117 -23.98 -2.93 -11.32
N LYS B 118 -25.25 -2.70 -11.72
CA LYS B 118 -25.79 -1.35 -11.66
C LYS B 118 -25.84 -0.85 -10.23
N LYS B 119 -26.22 -1.72 -9.30
CA LYS B 119 -26.32 -1.30 -7.91
C LYS B 119 -24.97 -0.94 -7.34
N VAL B 120 -23.92 -1.68 -7.68
CA VAL B 120 -22.62 -1.33 -7.15
C VAL B 120 -22.18 0.01 -7.71
N ALA B 121 -22.44 0.26 -8.98
CA ALA B 121 -22.08 1.57 -9.52
C ALA B 121 -22.80 2.67 -8.75
N LEU B 122 -24.07 2.44 -8.39
CA LEU B 122 -24.82 3.42 -7.63
C LEU B 122 -24.22 3.60 -6.24
N ILE B 123 -23.71 2.51 -5.64
CA ILE B 123 -23.09 2.58 -4.34
C ILE B 123 -21.86 3.46 -4.41
N GLN B 124 -21.02 3.29 -5.44
CA GLN B 124 -19.84 4.14 -5.51
C GLN B 124 -20.22 5.59 -5.71
N LEU B 125 -21.28 5.87 -6.48
CA LEU B 125 -21.66 7.26 -6.68
C LEU B 125 -22.08 7.86 -5.35
N VAL B 126 -22.78 7.09 -4.53
CA VAL B 126 -23.18 7.56 -3.22
C VAL B 126 -21.97 7.79 -2.34
N ILE B 127 -21.00 6.88 -2.34
CA ILE B 127 -19.83 7.08 -1.51
C ILE B 127 -19.09 8.32 -1.94
N ALA B 128 -18.90 8.51 -3.25
CA ALA B 128 -18.19 9.68 -3.73
C ALA B 128 -18.91 10.95 -3.29
N PHE B 129 -20.23 10.92 -3.35
CA PHE B 129 -21.04 12.04 -2.92
C PHE B 129 -20.80 12.36 -1.46
N VAL B 130 -20.88 11.33 -0.62
CA VAL B 130 -20.72 11.52 0.80
C VAL B 130 -19.34 12.06 1.09
N PHE B 131 -18.31 11.53 0.45
CA PHE B 131 -16.98 12.06 0.66
C PHE B 131 -16.93 13.53 0.35
N LEU B 132 -17.43 13.92 -0.82
CA LEU B 132 -17.30 15.31 -1.17
C LEU B 132 -18.06 16.21 -0.21
N ILE B 133 -19.25 15.79 0.21
CA ILE B 133 -19.99 16.64 1.11
C ILE B 133 -19.30 16.70 2.45
N LEU B 134 -18.82 15.57 2.92
CA LEU B 134 -18.17 15.55 4.21
C LEU B 134 -16.92 16.41 4.21
N LEU B 135 -16.08 16.32 3.17
CA LEU B 135 -14.88 17.14 3.18
C LEU B 135 -15.24 18.61 3.12
N ILE B 136 -16.26 18.98 2.35
CA ILE B 136 -16.64 20.37 2.26
C ILE B 136 -17.14 20.89 3.59
N LEU B 137 -17.98 20.13 4.29
CA LEU B 137 -18.48 20.58 5.55
C LEU B 137 -17.39 20.68 6.59
N LEU B 138 -16.47 19.71 6.59
CA LEU B 138 -15.41 19.73 7.58
C LEU B 138 -14.49 20.91 7.29
N SER B 139 -14.27 21.20 6.00
CA SER B 139 -13.44 22.31 5.59
C SER B 139 -14.06 23.62 6.06
N TRP B 140 -15.36 23.75 5.91
CA TRP B 140 -16.01 24.96 6.36
C TRP B 140 -15.84 25.12 7.86
N ARG B 141 -15.98 24.03 8.62
CA ARG B 141 -15.82 24.13 10.07
C ARG B 141 -14.40 24.54 10.44
N SER B 142 -13.43 23.97 9.74
CA SER B 142 -12.02 24.23 10.00
C SER B 142 -11.69 25.70 9.77
N GLU B 143 -12.19 26.26 8.66
CA GLU B 143 -11.90 27.65 8.36
C GLU B 143 -12.57 28.55 9.37
N GLU B 144 -13.79 28.19 9.79
CA GLU B 144 -14.47 29.01 10.77
C GLU B 144 -13.75 28.99 12.11
N LEU B 145 -13.18 27.85 12.51
CA LEU B 145 -12.46 27.80 13.77
C LEU B 145 -11.23 28.69 13.72
N ILE B 146 -10.55 28.70 12.59
CA ILE B 146 -9.37 29.51 12.47
C ILE B 146 -9.79 30.97 12.52
N ARG B 147 -10.86 31.33 11.79
CA ARG B 147 -11.33 32.69 11.75
C ARG B 147 -11.66 33.17 13.14
N GLU B 148 -12.33 32.33 13.95
CA GLU B 148 -12.66 32.72 15.30
C GLU B 148 -11.42 33.03 16.10
N LEU B 149 -10.39 32.18 15.99
CA LEU B 149 -9.21 32.42 16.79
C LEU B 149 -8.50 33.69 16.34
N GLU B 150 -8.46 33.93 15.03
CA GLU B 150 -7.75 35.10 14.51
C GLU B 150 -8.44 36.38 14.91
N GLU B 151 -9.77 36.42 14.86
CA GLU B 151 -10.51 37.61 15.22
C GLU B 151 -10.41 37.88 16.72
N LYS B 152 -10.39 36.82 17.53
CA LYS B 152 -10.29 36.96 18.97
C LYS B 152 -8.86 37.17 19.48
N GLY B 153 -7.85 36.78 18.71
CA GLY B 153 -6.47 36.91 19.17
C GLY B 153 -6.08 35.76 20.10
N ALA B 154 -6.72 34.62 19.88
CA ALA B 154 -6.52 33.41 20.68
C ALA B 154 -5.23 32.68 20.32
N ALA B 155 -4.63 33.02 19.18
CA ALA B 155 -3.44 32.37 18.67
C ALA B 155 -2.59 33.38 17.92
N SER B 156 -1.27 33.13 17.85
CA SER B 156 -0.38 34.04 17.13
C SER B 156 -0.59 33.90 15.65
N GLU B 157 -0.10 34.85 14.88
CA GLU B 157 -0.27 34.79 13.44
C GLU B 157 0.41 33.57 12.87
N ALA B 158 1.59 33.20 13.40
CA ALA B 158 2.27 32.03 12.88
C ALA B 158 1.48 30.77 13.19
N GLU B 159 0.87 30.70 14.38
CA GLU B 159 0.08 29.53 14.71
C GLU B 159 -1.13 29.42 13.80
N LEU B 160 -1.76 30.55 13.50
CA LEU B 160 -2.93 30.57 12.65
C LEU B 160 -2.56 30.21 11.24
N ALA B 161 -1.43 30.72 10.74
CA ALA B 161 -1.02 30.37 9.40
C ALA B 161 -0.76 28.89 9.32
N ARG B 162 -0.15 28.32 10.37
CA ARG B 162 0.10 26.90 10.34
C ARG B 162 -1.18 26.12 10.32
N MET B 163 -2.20 26.54 11.08
CA MET B 163 -3.46 25.80 11.05
C MET B 163 -4.07 25.85 9.66
N LYS B 164 -3.97 27.02 9.00
CA LYS B 164 -4.54 27.17 7.68
C LYS B 164 -3.83 26.27 6.69
N GLN B 165 -2.51 26.21 6.78
CA GLN B 165 -1.66 25.41 5.91
C GLN B 165 -1.82 23.92 6.13
N GLN B 166 -1.94 23.52 7.39
CA GLN B 166 -2.08 22.14 7.77
C GLN B 166 -3.43 21.66 7.31
N HIS B 167 -4.43 22.53 7.41
CA HIS B 167 -5.74 22.21 6.92
C HIS B 167 -5.73 21.99 5.43
N MET B 168 -5.13 22.93 4.69
CA MET B 168 -5.09 22.81 3.25
C MET B 168 -4.37 21.54 2.84
N THR B 169 -3.31 21.17 3.56
CA THR B 169 -2.59 19.96 3.24
C THR B 169 -3.49 18.75 3.45
N ALA B 170 -4.16 18.69 4.60
CA ALA B 170 -5.03 17.58 4.90
C ALA B 170 -6.18 17.48 3.92
N TYR B 171 -6.69 18.63 3.51
CA TYR B 171 -7.79 18.75 2.57
C TYR B 171 -7.42 18.10 1.26
N LEU B 172 -6.25 18.47 0.75
CA LEU B 172 -5.78 17.94 -0.50
C LEU B 172 -5.51 16.46 -0.40
N GLN B 173 -4.93 16.02 0.72
CA GLN B 173 -4.62 14.62 0.87
C GLN B 173 -5.90 13.79 0.90
N ALA B 174 -6.94 14.31 1.55
CA ALA B 174 -8.21 13.61 1.58
C ALA B 174 -8.79 13.50 0.19
N ALA B 175 -8.68 14.58 -0.60
CA ALA B 175 -9.20 14.57 -1.95
C ALA B 175 -8.47 13.55 -2.79
N LEU B 176 -7.15 13.46 -2.61
CA LEU B 176 -6.35 12.51 -3.36
C LEU B 176 -6.69 11.09 -3.00
N THR B 177 -6.93 10.84 -1.71
CA THR B 177 -7.29 9.51 -1.28
C THR B 177 -8.62 9.11 -1.88
N ALA B 178 -9.59 10.01 -1.83
CA ALA B 178 -10.89 9.69 -2.37
C ALA B 178 -10.82 9.45 -3.85
N TRP B 179 -10.01 10.23 -4.55
CA TRP B 179 -9.90 10.07 -5.99
C TRP B 179 -9.32 8.72 -6.31
N GLU B 180 -8.32 8.27 -5.55
CA GLU B 180 -7.74 6.96 -5.79
C GLU B 180 -8.78 5.85 -5.59
N ILE B 181 -9.61 5.97 -4.55
CA ILE B 181 -10.63 4.96 -4.27
C ILE B 181 -11.65 4.93 -5.40
N ILE B 182 -12.08 6.11 -5.83
CA ILE B 182 -13.07 6.25 -6.87
C ILE B 182 -12.55 5.69 -8.17
N SER B 183 -11.33 6.06 -8.54
CA SER B 183 -10.77 5.59 -9.78
C SER B 183 -10.64 4.09 -9.81
N LYS B 184 -10.13 3.49 -8.73
CA LYS B 184 -9.99 2.04 -8.75
C LYS B 184 -11.33 1.36 -8.87
N SER B 185 -12.34 1.91 -8.19
CA SER B 185 -13.68 1.36 -8.24
C SER B 185 -14.25 1.44 -9.65
N VAL B 186 -14.09 2.58 -10.32
CA VAL B 186 -14.60 2.72 -11.67
C VAL B 186 -13.90 1.77 -12.62
N ILE B 187 -12.59 1.61 -12.49
CA ILE B 187 -11.86 0.72 -13.36
C ILE B 187 -12.39 -0.68 -13.18
N ALA B 188 -12.57 -1.10 -11.92
CA ALA B 188 -13.09 -2.43 -11.70
C ALA B 188 -14.48 -2.58 -12.29
N LEU B 189 -15.32 -1.55 -12.20
CA LEU B 189 -16.66 -1.64 -12.78
C LEU B 189 -16.57 -1.77 -14.27
N LEU B 190 -15.65 -1.05 -14.91
CA LEU B 190 -15.52 -1.18 -16.36
C LEU B 190 -15.08 -2.59 -16.72
N LEU B 191 -14.17 -3.17 -15.95
CA LEU B 191 -13.70 -4.52 -16.27
C LEU B 191 -14.85 -5.51 -16.10
N LEU B 192 -15.67 -5.30 -15.07
CA LEU B 192 -16.80 -6.18 -14.82
C LEU B 192 -17.85 -6.03 -15.90
N GLN B 193 -18.04 -4.81 -16.43
CA GLN B 193 -18.99 -4.59 -17.50
C GLN B 193 -18.54 -5.29 -18.76
N GLN B 194 -17.23 -5.30 -19.01
CA GLN B 194 -16.66 -5.96 -20.16
C GLN B 194 -16.86 -7.47 -20.03
N ASN B 195 -16.69 -7.99 -18.80
CA ASN B 195 -16.88 -9.42 -18.59
C ASN B 195 -18.34 -9.77 -18.77
N GLN B 196 -19.23 -8.89 -18.30
CA GLN B 196 -20.65 -9.13 -18.37
C GLN B 196 -21.12 -9.15 -19.79
N LEU B 197 -20.56 -8.26 -20.61
CA LEU B 197 -20.95 -8.23 -21.99
C LEU B 197 -20.53 -9.50 -22.68
N ASN B 198 -19.31 -9.96 -22.43
CA ASN B 198 -18.90 -11.18 -23.08
C ASN B 198 -19.79 -12.34 -22.65
N LEU B 199 -20.12 -12.43 -21.37
CA LEU B 199 -20.92 -13.55 -20.94
C LEU B 199 -22.30 -13.52 -21.53
N GLU B 200 -22.91 -12.35 -21.68
CA GLU B 200 -24.23 -12.32 -22.27
C GLU B 200 -24.19 -12.69 -23.74
N LEU B 201 -23.17 -12.21 -24.46
CA LEU B 201 -23.07 -12.48 -25.89
C LEU B 201 -22.74 -13.96 -26.16
N ARG B 202 -22.05 -14.59 -25.23
CA ARG B 202 -21.66 -16.00 -25.36
C ARG B 202 -22.73 -17.05 -24.90
N HIS B 203 -23.91 -16.63 -24.35
CA HIS B 203 -24.99 -17.50 -23.84
C HIS B 203 -26.37 -17.05 -24.38
N SER C 1 9.87 -37.07 -18.42
CA SER C 1 10.58 -35.86 -17.93
C SER C 1 9.89 -35.16 -16.72
N ALA C 2 8.59 -34.79 -16.88
CA ALA C 2 7.79 -34.06 -15.87
C ALA C 2 7.66 -34.74 -14.54
N GLU C 3 7.64 -36.06 -14.47
CA GLU C 3 7.44 -36.65 -13.16
C GLU C 3 8.59 -36.34 -12.20
N GLU C 4 9.83 -36.37 -12.71
CA GLU C 4 11.00 -36.09 -11.90
C GLU C 4 11.18 -34.60 -11.71
N LEU C 5 10.85 -33.83 -12.73
CA LEU C 5 11.02 -32.39 -12.64
C LEU C 5 10.02 -31.86 -11.62
N LEU C 6 8.82 -32.43 -11.62
CA LEU C 6 7.82 -32.05 -10.66
C LEU C 6 8.24 -32.56 -9.31
N ARG C 7 8.86 -33.73 -9.21
CA ARG C 7 9.29 -34.16 -7.90
C ARG C 7 10.18 -33.11 -7.28
N ARG C 8 11.10 -32.56 -8.05
CA ARG C 8 11.98 -31.54 -7.50
C ARG C 8 11.19 -30.31 -7.07
N SER C 9 10.21 -29.88 -7.87
CA SER C 9 9.41 -28.71 -7.51
C SER C 9 8.55 -28.96 -6.27
N ARG C 10 8.02 -30.18 -6.13
CA ARG C 10 7.19 -30.53 -5.00
C ARG C 10 8.03 -30.46 -3.73
N GLU C 11 9.26 -30.97 -3.79
CA GLU C 11 10.15 -30.96 -2.64
C GLU C 11 10.49 -29.53 -2.28
N TYR C 12 10.70 -28.69 -3.29
CA TYR C 12 11.01 -27.30 -3.05
C TYR C 12 9.88 -26.61 -2.33
N LEU C 13 8.64 -26.81 -2.81
CA LEU C 13 7.51 -26.16 -2.18
C LEU C 13 7.37 -26.62 -0.73
N LYS C 14 7.58 -27.91 -0.45
CA LYS C 14 7.49 -28.37 0.92
C LYS C 14 8.53 -27.66 1.76
N LYS C 15 9.75 -27.50 1.24
CA LYS C 15 10.81 -26.83 1.98
C LYS C 15 10.43 -25.38 2.25
N VAL C 16 9.82 -24.72 1.27
CA VAL C 16 9.43 -23.33 1.46
C VAL C 16 8.41 -23.24 2.55
N ALA C 17 7.42 -24.13 2.55
CA ALA C 17 6.41 -24.08 3.58
C ALA C 17 7.02 -24.28 4.96
N LEU C 18 8.00 -25.18 5.07
CA LEU C 18 8.61 -25.42 6.37
C LEU C 18 9.37 -24.20 6.83
N ILE C 19 10.02 -23.54 5.89
CA ILE C 19 10.77 -22.34 6.19
C ILE C 19 9.82 -21.27 6.69
N GLN C 20 8.69 -21.10 6.02
CA GLN C 20 7.74 -20.10 6.45
C GLN C 20 7.16 -20.41 7.81
N LEU C 21 6.94 -21.68 8.14
CA LEU C 21 6.41 -22.00 9.46
C LEU C 21 7.42 -21.61 10.53
N VAL C 22 8.69 -21.85 10.24
CA VAL C 22 9.74 -21.49 11.18
C VAL C 22 9.84 -19.99 11.33
N ILE C 23 9.77 -19.26 10.22
CA ILE C 23 9.89 -17.83 10.31
C ILE C 23 8.75 -17.25 11.10
N ALA C 24 7.53 -17.69 10.82
CA ALA C 24 6.39 -17.16 11.54
C ALA C 24 6.54 -17.44 13.02
N PHE C 25 7.06 -18.63 13.37
CA PHE C 25 7.30 -18.97 14.75
C PHE C 25 8.28 -18.00 15.36
N VAL C 26 9.38 -17.75 14.67
CA VAL C 26 10.38 -16.84 15.20
C VAL C 26 9.79 -15.47 15.42
N PHE C 27 8.98 -14.97 14.50
CA PHE C 27 8.40 -13.66 14.70
C PHE C 27 7.46 -13.64 15.88
N LEU C 28 6.70 -14.70 16.09
CA LEU C 28 5.83 -14.77 17.25
C LEU C 28 6.65 -14.65 18.50
N ILE C 29 7.74 -15.40 18.56
CA ILE C 29 8.59 -15.38 19.72
C ILE C 29 9.22 -14.03 19.90
N LEU C 30 9.67 -13.39 18.82
CA LEU C 30 10.27 -12.08 18.99
C LEU C 30 9.26 -11.12 19.55
N LEU C 31 8.01 -11.16 19.09
CA LEU C 31 7.06 -10.22 19.64
C LEU C 31 6.84 -10.50 21.12
N ILE C 32 6.77 -11.76 21.51
CA ILE C 32 6.57 -12.09 22.91
C ILE C 32 7.72 -11.60 23.77
N LEU C 33 8.95 -11.84 23.33
CA LEU C 33 10.11 -11.44 24.11
C LEU C 33 10.26 -9.94 24.19
N LEU C 34 9.98 -9.25 23.09
CA LEU C 34 10.11 -7.82 23.02
C LEU C 34 9.02 -7.20 23.90
N SER C 35 7.83 -7.82 23.90
CA SER C 35 6.71 -7.38 24.69
C SER C 35 7.07 -7.48 26.16
N TRP C 36 7.69 -8.61 26.55
CA TRP C 36 8.09 -8.79 27.92
C TRP C 36 9.06 -7.70 28.34
N ARG C 37 10.06 -7.43 27.52
CA ARG C 37 11.03 -6.44 27.92
C ARG C 37 10.37 -5.09 28.13
N SER C 38 9.47 -4.72 27.21
CA SER C 38 8.79 -3.44 27.31
C SER C 38 7.94 -3.32 28.55
N GLU C 39 7.17 -4.37 28.87
CA GLU C 39 6.32 -4.32 30.05
C GLU C 39 7.16 -4.13 31.29
N GLU C 40 8.29 -4.85 31.36
CA GLU C 40 9.17 -4.73 32.50
C GLU C 40 9.79 -3.36 32.60
N LEU C 41 10.16 -2.75 31.48
CA LEU C 41 10.74 -1.43 31.58
C LEU C 41 9.70 -0.49 32.19
N ILE C 42 8.44 -0.61 31.78
CA ILE C 42 7.44 0.29 32.33
C ILE C 42 7.22 0.00 33.80
N ARG C 43 7.14 -1.28 34.19
CA ARG C 43 6.92 -1.62 35.59
C ARG C 43 8.02 -1.02 36.46
N GLU C 44 9.27 -1.13 36.03
CA GLU C 44 10.32 -0.55 36.85
C GLU C 44 10.21 0.97 36.90
N LEU C 45 9.82 1.64 35.81
CA LEU C 45 9.75 3.09 35.89
C LEU C 45 8.69 3.49 36.91
N GLU C 46 7.59 2.74 36.94
CA GLU C 46 6.52 3.04 37.89
C GLU C 46 6.97 2.86 39.33
N GLU C 47 7.69 1.77 39.61
CA GLU C 47 8.16 1.49 40.97
C GLU C 47 9.22 2.49 41.41
N LYS C 48 10.07 2.91 40.46
CA LYS C 48 11.15 3.84 40.71
C LYS C 48 10.66 5.29 40.81
N GLY C 49 9.53 5.60 40.19
CA GLY C 49 9.05 6.97 40.19
C GLY C 49 9.81 7.76 39.14
N ALA C 50 10.21 7.06 38.07
CA ALA C 50 10.99 7.64 36.98
C ALA C 50 10.11 8.40 35.99
N ALA C 51 8.80 8.30 36.18
CA ALA C 51 7.84 8.95 35.32
C ALA C 51 6.59 9.28 36.13
N SER C 52 5.87 10.32 35.72
CA SER C 52 4.63 10.72 36.37
C SER C 52 3.56 9.70 36.07
N GLU C 53 2.48 9.74 36.83
CA GLU C 53 1.41 8.76 36.63
C GLU C 53 0.81 8.87 35.24
N ALA C 54 0.63 10.10 34.75
CA ALA C 54 0.06 10.26 33.43
C ALA C 54 1.01 9.74 32.38
N GLU C 55 2.31 9.96 32.57
CA GLU C 55 3.27 9.48 31.58
C GLU C 55 3.31 7.97 31.61
N LEU C 56 3.22 7.37 32.78
CA LEU C 56 3.24 5.92 32.88
C LEU C 56 2.03 5.34 32.18
N ALA C 57 0.86 5.95 32.36
CA ALA C 57 -0.33 5.45 31.69
C ALA C 57 -0.19 5.58 30.19
N ARG C 58 0.40 6.69 29.73
CA ARG C 58 0.59 6.88 28.32
C ARG C 58 1.54 5.84 27.75
N MET C 59 2.61 5.52 28.48
CA MET C 59 3.55 4.53 28.00
C MET C 59 2.90 3.16 27.93
N LYS C 60 2.02 2.86 28.89
CA LYS C 60 1.33 1.58 28.87
C LYS C 60 0.44 1.51 27.64
N GLN C 61 -0.23 2.62 27.31
CA GLN C 61 -1.07 2.63 26.13
C GLN C 61 -0.24 2.48 24.86
N GLN C 62 0.93 3.13 24.81
CA GLN C 62 1.78 3.07 23.64
C GLN C 62 2.28 1.66 23.44
N HIS C 63 2.61 1.01 24.54
CA HIS C 63 3.05 -0.36 24.56
C HIS C 63 2.00 -1.29 24.01
N MET C 64 0.79 -1.18 24.52
CA MET C 64 -0.29 -2.03 24.08
C MET C 64 -0.59 -1.82 22.62
N THR C 65 -0.56 -0.56 22.19
CA THR C 65 -0.84 -0.25 20.81
C THR C 65 0.21 -0.86 19.92
N ALA C 66 1.47 -0.69 20.28
CA ALA C 66 2.55 -1.22 19.46
C ALA C 66 2.47 -2.71 19.37
N TYR C 67 2.13 -3.36 20.48
CA TYR C 67 2.01 -4.80 20.53
C TYR C 67 0.98 -5.28 19.55
N LEU C 68 -0.20 -4.65 19.59
CA LEU C 68 -1.26 -5.06 18.72
C LEU C 68 -0.91 -4.78 17.28
N GLN C 69 -0.27 -3.65 17.00
CA GLN C 69 0.06 -3.34 15.62
C GLN C 69 1.02 -4.37 15.09
N ALA C 70 1.98 -4.78 15.91
CA ALA C 70 2.92 -5.79 15.49
C ALA C 70 2.21 -7.10 15.27
N ALA C 71 1.25 -7.43 16.14
CA ALA C 71 0.51 -8.67 16.00
C ALA C 71 -0.28 -8.66 14.71
N LEU C 72 -0.88 -7.53 14.38
CA LEU C 72 -1.66 -7.39 13.17
C LEU C 72 -0.79 -7.50 11.97
N THR C 73 0.39 -6.91 12.02
CA THR C 73 1.30 -6.97 10.90
C THR C 73 1.73 -8.40 10.68
N ALA C 74 2.10 -9.08 11.76
CA ALA C 74 2.54 -10.44 11.61
C ALA C 74 1.41 -11.28 11.08
N TRP C 75 0.19 -11.06 11.54
CA TRP C 75 -0.93 -11.81 11.07
C TRP C 75 -1.17 -11.58 9.61
N GLU C 76 -1.05 -10.33 9.16
CA GLU C 76 -1.28 -10.07 7.76
C GLU C 76 -0.27 -10.86 6.93
N ILE C 77 0.99 -10.88 7.35
CA ILE C 77 2.01 -11.58 6.60
C ILE C 77 1.74 -13.06 6.63
N ILE C 78 1.40 -13.59 7.81
CA ILE C 78 1.16 -15.00 7.97
C ILE C 78 0.00 -15.46 7.16
N SER C 79 -1.12 -14.75 7.17
CA SER C 79 -2.24 -15.23 6.39
C SER C 79 -1.91 -15.14 4.92
N LYS C 80 -1.23 -14.08 4.48
CA LYS C 80 -0.90 -14.02 3.07
C LYS C 80 0.06 -15.13 2.68
N SER C 81 1.02 -15.44 3.55
CA SER C 81 1.99 -16.49 3.28
C SER C 81 1.31 -17.84 3.22
N VAL C 82 0.44 -18.13 4.18
CA VAL C 82 -0.24 -19.41 4.22
C VAL C 82 -1.15 -19.58 3.03
N ILE C 83 -1.88 -18.53 2.68
CA ILE C 83 -2.74 -18.55 1.54
C ILE C 83 -1.91 -18.69 0.29
N ALA C 84 -0.79 -17.99 0.19
CA ALA C 84 0.04 -18.15 -0.98
C ALA C 84 0.52 -19.59 -1.10
N LEU C 85 0.84 -20.23 0.03
CA LEU C 85 1.27 -21.63 0.00
C LEU C 85 0.13 -22.52 -0.45
N LEU C 86 -1.08 -22.20 -0.03
CA LEU C 86 -2.29 -22.92 -0.41
C LEU C 86 -2.51 -22.79 -1.92
N LEU C 87 -2.33 -21.59 -2.47
CA LEU C 87 -2.45 -21.35 -3.89
C LEU C 87 -1.34 -22.06 -4.65
N LEU C 88 -0.13 -22.03 -4.12
CA LEU C 88 1.01 -22.69 -4.74
C LEU C 88 0.75 -24.16 -4.75
N GLN C 89 0.14 -24.70 -3.71
CA GLN C 89 -0.15 -26.11 -3.76
C GLN C 89 -1.18 -26.39 -4.82
N GLN C 90 -2.19 -25.52 -5.02
CA GLN C 90 -3.11 -25.80 -6.11
C GLN C 90 -2.38 -25.71 -7.46
N ASN C 91 -1.42 -24.80 -7.59
CA ASN C 91 -0.71 -24.72 -8.85
C ASN C 91 0.12 -25.99 -9.07
N GLN C 92 0.75 -26.47 -8.00
CA GLN C 92 1.59 -27.66 -8.04
C GLN C 92 0.72 -28.88 -8.30
N LEU C 93 -0.49 -28.85 -7.75
CA LEU C 93 -1.47 -29.89 -7.88
C LEU C 93 -1.92 -30.00 -9.32
N ASN C 94 -2.17 -28.86 -9.97
CA ASN C 94 -2.57 -28.95 -11.36
C ASN C 94 -1.45 -29.52 -12.22
N LEU C 95 -0.21 -29.18 -11.90
CA LEU C 95 0.89 -29.71 -12.68
C LEU C 95 1.00 -31.22 -12.51
N GLU C 96 0.81 -31.71 -11.28
CA GLU C 96 0.90 -33.13 -11.00
C GLU C 96 -0.28 -33.89 -11.59
N LEU C 97 -1.48 -33.36 -11.48
CA LEU C 97 -2.71 -34.00 -11.97
C LEU C 97 -2.72 -34.17 -13.47
N ASN C 98 -2.07 -33.24 -14.18
CA ASN C 98 -2.03 -33.30 -15.63
C ASN C 98 -0.79 -34.03 -16.13
N THR C 99 -0.05 -34.67 -15.23
CA THR C 99 1.13 -35.47 -15.55
C THR C 99 0.78 -36.90 -15.16
N ASP C 100 0.48 -37.11 -13.88
CA ASP C 100 0.03 -38.40 -13.41
C ASP C 100 -1.48 -38.32 -13.44
N THR C 101 -2.06 -38.87 -14.48
CA THR C 101 -3.47 -38.72 -14.74
C THR C 101 -4.29 -39.85 -14.14
N ASP C 102 -3.65 -40.70 -13.33
CA ASP C 102 -4.39 -41.77 -12.70
C ASP C 102 -5.41 -41.17 -11.76
N LYS C 103 -6.68 -41.49 -12.00
CA LYS C 103 -7.77 -40.94 -11.22
C LYS C 103 -7.58 -41.23 -9.75
N ASN C 104 -7.01 -42.38 -9.40
CA ASN C 104 -6.84 -42.74 -7.99
C ASN C 104 -5.83 -41.83 -7.31
N VAL C 105 -4.85 -41.34 -8.07
CA VAL C 105 -3.85 -40.47 -7.55
C VAL C 105 -4.50 -39.13 -7.38
N ALA C 106 -5.29 -38.73 -8.38
CA ALA C 106 -5.96 -37.47 -8.30
C ALA C 106 -6.87 -37.43 -7.09
N GLU C 107 -7.56 -38.53 -6.78
CA GLU C 107 -8.45 -38.51 -5.64
C GLU C 107 -7.69 -38.28 -4.35
N GLU C 108 -6.53 -38.92 -4.18
CA GLU C 108 -5.77 -38.71 -2.96
C GLU C 108 -5.24 -37.28 -2.88
N LEU C 109 -4.76 -36.75 -4.00
CA LEU C 109 -4.21 -35.42 -4.00
C LEU C 109 -5.26 -34.36 -3.73
N LEU C 110 -6.45 -34.55 -4.31
CA LEU C 110 -7.56 -33.64 -4.15
C LEU C 110 -8.07 -33.67 -2.73
N ARG C 111 -8.11 -34.85 -2.11
CA ARG C 111 -8.52 -34.94 -0.72
C ARG C 111 -7.53 -34.21 0.18
N ARG C 112 -6.23 -34.35 -0.10
CA ARG C 112 -5.24 -33.68 0.73
C ARG C 112 -5.36 -32.16 0.62
N SER C 113 -5.61 -31.68 -0.60
CA SER C 113 -5.75 -30.25 -0.81
C SER C 113 -6.96 -29.73 -0.06
N ARG C 114 -8.08 -30.46 -0.15
CA ARG C 114 -9.30 -30.05 0.50
C ARG C 114 -9.11 -29.98 2.01
N GLU C 115 -8.39 -30.94 2.60
CA GLU C 115 -8.18 -30.89 4.04
C GLU C 115 -7.33 -29.69 4.42
N TYR C 116 -6.32 -29.37 3.61
CA TYR C 116 -5.48 -28.22 3.91
C TYR C 116 -6.28 -26.94 3.80
N LEU C 117 -7.13 -26.84 2.78
CA LEU C 117 -7.95 -25.66 2.59
C LEU C 117 -8.83 -25.44 3.83
N LYS C 118 -9.41 -26.52 4.37
CA LYS C 118 -10.19 -26.39 5.59
C LYS C 118 -9.31 -25.95 6.76
N LYS C 119 -8.09 -26.49 6.85
CA LYS C 119 -7.20 -26.11 7.94
C LYS C 119 -6.85 -24.64 7.89
N VAL C 120 -6.65 -24.11 6.68
CA VAL C 120 -6.30 -22.71 6.56
C VAL C 120 -7.48 -21.86 7.00
N ALA C 121 -8.70 -22.24 6.62
CA ALA C 121 -9.85 -21.48 7.07
C ALA C 121 -9.92 -21.48 8.59
N LEU C 122 -9.60 -22.62 9.22
CA LEU C 122 -9.63 -22.70 10.67
C LEU C 122 -8.58 -21.78 11.27
N ILE C 123 -7.42 -21.67 10.62
CA ILE C 123 -6.37 -20.80 11.12
C ILE C 123 -6.86 -19.36 11.10
N GLN C 124 -7.52 -18.94 10.02
CA GLN C 124 -8.00 -17.56 10.00
C GLN C 124 -9.07 -17.33 11.05
N LEU C 125 -9.93 -18.31 11.29
CA LEU C 125 -10.96 -18.13 12.30
C LEU C 125 -10.32 -17.97 13.67
N VAL C 126 -9.25 -18.72 13.93
CA VAL C 126 -8.54 -18.57 15.19
C VAL C 126 -7.92 -17.21 15.28
N ILE C 127 -7.30 -16.73 14.21
CA ILE C 127 -6.69 -15.41 14.26
C ILE C 127 -7.75 -14.36 14.52
N ALA C 128 -8.89 -14.43 13.82
CA ALA C 128 -9.92 -13.43 14.02
C ALA C 128 -10.39 -13.43 15.46
N PHE C 129 -10.53 -14.62 16.05
CA PHE C 129 -10.92 -14.72 17.43
C PHE C 129 -9.92 -14.03 18.32
N VAL C 130 -8.64 -14.34 18.11
CA VAL C 130 -7.60 -13.78 18.94
C VAL C 130 -7.58 -12.28 18.80
N PHE C 131 -7.73 -11.76 17.59
CA PHE C 131 -7.77 -10.33 17.44
C PHE C 131 -8.87 -9.72 18.23
N LEU C 132 -10.07 -10.26 18.11
CA LEU C 132 -11.17 -9.62 18.80
C LEU C 132 -10.95 -9.65 20.29
N ILE C 133 -10.46 -10.76 20.82
CA ILE C 133 -10.28 -10.82 22.24
C ILE C 133 -9.17 -9.90 22.67
N LEU C 134 -8.08 -9.88 21.92
CA LEU C 134 -6.95 -9.06 22.27
C LEU C 134 -7.29 -7.59 22.24
N LEU C 135 -8.01 -7.11 21.22
CA LEU C 135 -8.34 -5.71 21.20
C LEU C 135 -9.26 -5.36 22.36
N ILE C 136 -10.21 -6.24 22.68
CA ILE C 136 -11.10 -5.98 23.77
C ILE C 136 -10.35 -5.90 25.09
N LEU C 137 -9.44 -6.83 25.34
CA LEU C 137 -8.70 -6.81 26.58
C LEU C 137 -7.80 -5.59 26.69
N LEU C 138 -7.14 -5.22 25.59
CA LEU C 138 -6.23 -4.08 25.63
C LEU C 138 -7.04 -2.82 25.83
N SER C 139 -8.21 -2.77 25.22
CA SER C 139 -9.08 -1.61 25.35
C SER C 139 -9.51 -1.47 26.79
N TRP C 140 -9.89 -2.57 27.43
CA TRP C 140 -10.31 -2.46 28.80
C TRP C 140 -9.20 -1.88 29.65
N ARG C 141 -7.96 -2.34 29.44
CA ARG C 141 -6.88 -1.81 30.24
C ARG C 141 -6.68 -0.32 29.98
N SER C 142 -6.80 0.10 28.72
CA SER C 142 -6.61 1.50 28.36
C SER C 142 -7.65 2.39 29.04
N GLU C 143 -8.91 1.93 29.04
CA GLU C 143 -9.99 2.68 29.65
C GLU C 143 -9.76 2.81 31.14
N GLU C 144 -9.28 1.74 31.76
CA GLU C 144 -9.01 1.74 33.19
C GLU C 144 -7.88 2.70 33.54
N LEU C 145 -6.83 2.77 32.70
CA LEU C 145 -5.73 3.67 32.98
C LEU C 145 -6.16 5.11 32.92
N ILE C 146 -7.00 5.45 31.96
CA ILE C 146 -7.43 6.83 31.86
C ILE C 146 -8.28 7.15 33.07
N ARG C 147 -9.19 6.24 33.44
CA ARG C 147 -10.03 6.50 34.58
C ARG C 147 -9.20 6.63 35.84
N GLU C 148 -8.17 5.81 36.02
CA GLU C 148 -7.35 5.93 37.20
C GLU C 148 -6.75 7.31 37.29
N LEU C 149 -6.25 7.85 36.17
CA LEU C 149 -5.65 9.17 36.21
C LEU C 149 -6.70 10.23 36.53
N GLU C 150 -7.91 10.06 35.97
CA GLU C 150 -9.00 11.01 36.20
C GLU C 150 -9.41 11.05 37.66
N GLU C 151 -9.50 9.87 38.30
CA GLU C 151 -9.87 9.74 39.70
C GLU C 151 -8.82 10.37 40.61
N LYS C 152 -7.55 10.20 40.24
CA LYS C 152 -6.44 10.72 41.03
C LYS C 152 -6.06 12.17 40.76
N GLY C 153 -6.45 12.73 39.61
CA GLY C 153 -6.06 14.10 39.28
C GLY C 153 -4.63 14.14 38.78
N ALA C 154 -4.21 13.05 38.15
CA ALA C 154 -2.86 12.87 37.62
C ALA C 154 -2.64 13.61 36.30
N ALA C 155 -3.71 14.08 35.69
CA ALA C 155 -3.65 14.76 34.40
C ALA C 155 -4.76 15.80 34.35
N SER C 156 -4.54 16.86 33.56
CA SER C 156 -5.55 17.91 33.40
C SER C 156 -6.69 17.36 32.58
N GLU C 157 -7.81 18.06 32.57
CA GLU C 157 -8.95 17.57 31.81
C GLU C 157 -8.63 17.51 30.33
N ALA C 158 -7.89 18.50 29.81
CA ALA C 158 -7.56 18.47 28.40
C ALA C 158 -6.65 17.29 28.11
N GLU C 159 -5.71 17.00 29.02
CA GLU C 159 -4.82 15.87 28.81
C GLU C 159 -5.57 14.55 28.82
N LEU C 160 -6.55 14.41 29.71
CA LEU C 160 -7.33 13.20 29.77
C LEU C 160 -8.17 13.06 28.52
N ALA C 161 -8.73 14.16 28.02
CA ALA C 161 -9.52 14.09 26.82
C ALA C 161 -8.65 13.66 25.65
N ARG C 162 -7.41 14.15 25.61
CA ARG C 162 -6.53 13.77 24.53
C ARG C 162 -6.23 12.28 24.59
N MET C 163 -6.02 11.73 25.80
CA MET C 163 -5.74 10.30 25.88
C MET C 163 -6.94 9.50 25.42
N LYS C 164 -8.15 9.96 25.77
CA LYS C 164 -9.36 9.26 25.37
C LYS C 164 -9.50 9.27 23.87
N GLN C 165 -9.20 10.40 23.26
CA GLN C 165 -9.31 10.52 21.82
C GLN C 165 -8.27 9.67 21.08
N GLN C 166 -7.05 9.64 21.60
CA GLN C 166 -5.98 8.87 21.00
C GLN C 166 -6.30 7.40 21.13
N HIS C 167 -6.87 7.01 22.26
CA HIS C 167 -7.32 5.67 22.51
C HIS C 167 -8.37 5.24 21.52
N MET C 168 -9.39 6.07 21.35
CA MET C 168 -10.47 5.72 20.45
C MET C 168 -9.94 5.60 19.04
N THR C 169 -9.01 6.47 18.67
CA THR C 169 -8.45 6.41 17.34
C THR C 169 -7.71 5.11 17.13
N ALA C 170 -6.85 4.73 18.07
CA ALA C 170 -6.08 3.52 17.93
C ALA C 170 -6.98 2.30 17.88
N TYR C 171 -8.04 2.32 18.69
CA TYR C 171 -9.00 1.24 18.77
C TYR C 171 -9.63 1.01 17.43
N LEU C 172 -10.11 2.10 16.82
CA LEU C 172 -10.79 2.00 15.58
C LEU C 172 -9.85 1.58 14.48
N GLN C 173 -8.61 2.06 14.51
CA GLN C 173 -7.66 1.69 13.49
C GLN C 173 -7.40 0.21 13.55
N ALA C 174 -7.29 -0.34 14.77
CA ALA C 174 -7.08 -1.76 14.89
C ALA C 174 -8.26 -2.52 14.33
N ALA C 175 -9.47 -2.02 14.59
CA ALA C 175 -10.67 -2.68 14.11
C ALA C 175 -10.71 -2.68 12.59
N LEU C 176 -10.30 -1.57 11.99
CA LEU C 176 -10.25 -1.45 10.54
C LEU C 176 -9.21 -2.34 9.94
N THR C 177 -8.06 -2.42 10.58
CA THR C 177 -7.01 -3.25 10.06
C THR C 177 -7.42 -4.70 10.07
N ALA C 178 -7.99 -5.15 11.18
CA ALA C 178 -8.41 -6.52 11.26
C ALA C 178 -9.51 -6.79 10.25
N TRP C 179 -10.41 -5.83 10.05
CA TRP C 179 -11.46 -6.05 9.10
C TRP C 179 -10.86 -6.29 7.74
N GLU C 180 -9.93 -5.44 7.32
CA GLU C 180 -9.36 -5.62 6.01
C GLU C 180 -8.66 -6.96 5.86
N ILE C 181 -7.91 -7.38 6.88
CA ILE C 181 -7.18 -8.64 6.80
C ILE C 181 -8.10 -9.82 6.71
N ILE C 182 -9.11 -9.83 7.56
CA ILE C 182 -10.02 -10.94 7.65
C ILE C 182 -10.83 -11.04 6.37
N SER C 183 -11.34 -9.92 5.88
CA SER C 183 -12.14 -9.98 4.69
C SER C 183 -11.34 -10.44 3.51
N LYS C 184 -10.10 -9.98 3.36
CA LYS C 184 -9.31 -10.43 2.22
C LYS C 184 -9.03 -11.91 2.30
N SER C 185 -8.78 -12.40 3.51
CA SER C 185 -8.53 -13.81 3.71
C SER C 185 -9.74 -14.63 3.31
N VAL C 186 -10.93 -14.19 3.72
CA VAL C 186 -12.15 -14.90 3.38
C VAL C 186 -12.39 -14.93 1.89
N ILE C 187 -12.15 -13.80 1.22
CA ILE C 187 -12.32 -13.72 -0.20
C ILE C 187 -11.38 -14.68 -0.89
N ALA C 188 -10.10 -14.67 -0.46
CA ALA C 188 -9.14 -15.56 -1.08
C ALA C 188 -9.53 -17.00 -0.89
N LEU C 189 -10.02 -17.35 0.30
CA LEU C 189 -10.41 -18.71 0.55
C LEU C 189 -11.56 -19.09 -0.33
N LEU C 190 -12.52 -18.21 -0.53
CA LEU C 190 -13.61 -18.57 -1.40
C LEU C 190 -13.14 -18.77 -2.82
N LEU C 191 -12.23 -17.93 -3.30
CA LEU C 191 -11.76 -18.11 -4.67
C LEU C 191 -11.08 -19.47 -4.80
N LEU C 192 -10.31 -19.85 -3.78
CA LEU C 192 -9.62 -21.13 -3.77
C LEU C 192 -10.61 -22.28 -3.72
N GLN C 193 -11.70 -22.11 -2.97
CA GLN C 193 -12.75 -23.12 -2.87
C GLN C 193 -13.46 -23.30 -4.20
N GLN C 194 -13.70 -22.20 -4.92
CA GLN C 194 -14.34 -22.25 -6.22
C GLN C 194 -13.41 -22.97 -7.21
N ASN C 195 -12.10 -22.70 -7.10
CA ASN C 195 -11.13 -23.35 -7.97
C ASN C 195 -11.02 -24.83 -7.63
N GLN C 196 -11.12 -25.15 -6.34
CA GLN C 196 -11.03 -26.51 -5.87
C GLN C 196 -12.21 -27.30 -6.40
N LEU C 197 -13.38 -26.65 -6.47
CA LEU C 197 -14.56 -27.31 -6.98
C LEU C 197 -14.40 -27.65 -8.45
N ASN C 198 -13.91 -26.72 -9.26
CA ASN C 198 -13.77 -27.07 -10.67
C ASN C 198 -12.74 -28.16 -10.87
N LEU C 199 -11.69 -28.15 -10.07
CA LEU C 199 -10.67 -29.13 -10.26
C LEU C 199 -11.17 -30.52 -9.87
N GLU C 200 -11.92 -30.61 -8.78
CA GLU C 200 -12.46 -31.90 -8.38
C GLU C 200 -13.48 -32.43 -9.38
N LEU C 201 -14.31 -31.54 -9.93
CA LEU C 201 -15.34 -31.97 -10.88
C LEU C 201 -14.73 -32.51 -12.16
N ARG C 202 -13.56 -32.00 -12.53
CA ARG C 202 -12.84 -32.46 -13.71
C ARG C 202 -12.02 -33.78 -13.58
N HIS C 203 -11.92 -34.37 -12.34
CA HIS C 203 -11.15 -35.60 -12.05
C HIS C 203 -12.02 -36.58 -11.23
N SER D 1 6.83 -10.83 -41.88
CA SER D 1 6.50 -9.66 -41.03
C SER D 1 6.72 -9.87 -39.50
N ALA D 2 6.26 -11.02 -38.93
CA ALA D 2 6.35 -11.32 -37.49
C ALA D 2 7.76 -11.31 -36.95
N GLU D 3 8.70 -11.80 -37.73
CA GLU D 3 10.06 -11.87 -37.27
C GLU D 3 10.67 -10.48 -37.06
N GLU D 4 10.36 -9.54 -37.95
CA GLU D 4 10.92 -8.20 -37.81
C GLU D 4 10.23 -7.49 -36.67
N LEU D 5 8.94 -7.76 -36.51
CA LEU D 5 8.19 -7.13 -35.45
C LEU D 5 8.67 -7.63 -34.09
N LEU D 6 8.99 -8.92 -34.00
CA LEU D 6 9.50 -9.51 -32.80
C LEU D 6 10.86 -8.93 -32.48
N ARG D 7 11.68 -8.70 -33.52
CA ARG D 7 12.98 -8.11 -33.31
C ARG D 7 12.84 -6.74 -32.67
N ARG D 8 11.91 -5.93 -33.18
CA ARG D 8 11.74 -4.58 -32.64
C ARG D 8 11.28 -4.64 -31.18
N SER D 9 10.40 -5.58 -30.87
CA SER D 9 9.89 -5.74 -29.52
C SER D 9 11.03 -6.12 -28.57
N ARG D 10 11.91 -7.04 -29.01
CA ARG D 10 13.05 -7.44 -28.18
C ARG D 10 13.97 -6.26 -27.91
N GLU D 11 14.20 -5.42 -28.93
CA GLU D 11 15.08 -4.28 -28.77
C GLU D 11 14.51 -3.31 -27.73
N TYR D 12 13.20 -3.11 -27.76
CA TYR D 12 12.56 -2.27 -26.76
C TYR D 12 12.73 -2.85 -25.38
N LEU D 13 12.52 -4.16 -25.22
CA LEU D 13 12.69 -4.76 -23.91
C LEU D 13 14.10 -4.56 -23.39
N LYS D 14 15.10 -4.66 -24.25
CA LYS D 14 16.45 -4.42 -23.78
C LYS D 14 16.57 -2.97 -23.29
N LYS D 15 15.97 -2.02 -24.02
CA LYS D 15 15.99 -0.63 -23.62
C LYS D 15 15.35 -0.42 -22.26
N VAL D 16 14.23 -1.10 -22.02
CA VAL D 16 13.53 -0.96 -20.76
C VAL D 16 14.39 -1.46 -19.63
N ALA D 17 15.05 -2.60 -19.83
CA ALA D 17 15.91 -3.09 -18.79
C ALA D 17 16.99 -2.07 -18.48
N LEU D 18 17.52 -1.42 -19.53
CA LEU D 18 18.56 -0.42 -19.31
C LEU D 18 18.02 0.77 -18.55
N ILE D 19 16.79 1.17 -18.82
CA ILE D 19 16.21 2.31 -18.12
C ILE D 19 16.11 2.02 -16.64
N GLN D 20 15.60 0.84 -16.30
CA GLN D 20 15.48 0.51 -14.90
C GLN D 20 16.83 0.36 -14.22
N LEU D 21 17.83 -0.19 -14.92
CA LEU D 21 19.15 -0.35 -14.32
C LEU D 21 19.75 1.01 -14.03
N VAL D 22 19.55 1.97 -14.92
CA VAL D 22 20.08 3.30 -14.71
C VAL D 22 19.40 3.98 -13.55
N ILE D 23 18.07 3.89 -13.47
CA ILE D 23 17.42 4.57 -12.38
C ILE D 23 17.85 3.98 -11.07
N ALA D 24 17.87 2.65 -10.98
CA ALA D 24 18.27 2.03 -9.73
C ALA D 24 19.68 2.41 -9.36
N PHE D 25 20.58 2.48 -10.35
CA PHE D 25 21.94 2.86 -10.08
C PHE D 25 22.01 4.25 -9.49
N VAL D 26 21.34 5.19 -10.13
CA VAL D 26 21.38 6.56 -9.68
C VAL D 26 20.79 6.68 -8.31
N PHE D 27 19.68 6.01 -8.05
CA PHE D 27 19.07 6.05 -6.75
C PHE D 27 20.05 5.58 -5.70
N LEU D 28 20.71 4.45 -5.94
CA LEU D 28 21.62 3.93 -4.94
C LEU D 28 22.77 4.90 -4.71
N ILE D 29 23.25 5.56 -5.76
CA ILE D 29 24.33 6.52 -5.54
C ILE D 29 23.81 7.65 -4.69
N LEU D 30 22.59 8.13 -4.95
CA LEU D 30 21.99 9.19 -4.18
C LEU D 30 21.89 8.79 -2.72
N LEU D 31 21.44 7.56 -2.46
CA LEU D 31 21.29 7.05 -1.12
C LEU D 31 22.61 7.12 -0.39
N ILE D 32 23.67 6.68 -1.04
CA ILE D 32 24.98 6.67 -0.45
C ILE D 32 25.50 8.07 -0.16
N LEU D 33 25.38 8.96 -1.13
CA LEU D 33 25.89 10.31 -0.95
C LEU D 33 25.15 11.07 0.14
N LEU D 34 23.83 10.91 0.20
CA LEU D 34 23.08 11.65 1.19
C LEU D 34 23.40 11.08 2.56
N SER D 35 23.61 9.77 2.64
CA SER D 35 23.93 9.16 3.91
C SER D 35 25.26 9.69 4.40
N TRP D 36 26.22 9.83 3.48
CA TRP D 36 27.51 10.34 3.88
C TRP D 36 27.41 11.75 4.43
N ARG D 37 26.58 12.60 3.79
CA ARG D 37 26.43 13.96 4.29
C ARG D 37 25.83 13.96 5.68
N SER D 38 24.86 13.09 5.93
CA SER D 38 24.21 13.01 7.23
C SER D 38 25.20 12.65 8.30
N GLU D 39 26.06 11.67 8.00
CA GLU D 39 27.06 11.22 8.94
C GLU D 39 28.05 12.31 9.25
N GLU D 40 28.42 13.09 8.23
CA GLU D 40 29.34 14.19 8.45
C GLU D 40 28.71 15.26 9.33
N LEU D 41 27.40 15.52 9.16
CA LEU D 41 26.74 16.51 9.99
C LEU D 41 26.72 16.07 11.44
N ILE D 42 26.44 14.79 11.68
CA ILE D 42 26.39 14.33 13.06
C ILE D 42 27.78 14.42 13.65
N ARG D 43 28.80 14.02 12.88
CA ARG D 43 30.16 14.06 13.37
C ARG D 43 30.51 15.48 13.77
N GLU D 44 30.13 16.48 12.97
CA GLU D 44 30.44 17.83 13.38
C GLU D 44 29.71 18.22 14.65
N LEU D 45 28.45 17.81 14.81
CA LEU D 45 27.74 18.24 16.01
C LEU D 45 28.42 17.66 17.24
N GLU D 46 28.86 16.41 17.14
CA GLU D 46 29.52 15.76 18.27
C GLU D 46 30.84 16.44 18.62
N GLU D 47 31.64 16.76 17.60
CA GLU D 47 32.93 17.41 17.80
C GLU D 47 32.78 18.84 18.32
N LYS D 48 31.74 19.53 17.85
CA LYS D 48 31.46 20.91 18.21
C LYS D 48 30.78 21.03 19.57
N GLY D 49 30.09 19.98 20.03
CA GLY D 49 29.37 20.07 21.29
C GLY D 49 28.03 20.78 21.09
N ALA D 50 27.48 20.64 19.89
CA ALA D 50 26.24 21.27 19.50
C ALA D 50 25.00 20.51 19.97
N ALA D 51 25.21 19.33 20.54
CA ALA D 51 24.13 18.47 21.00
C ALA D 51 24.62 17.64 22.20
N SER D 52 23.68 17.22 23.05
CA SER D 52 23.99 16.39 24.22
C SER D 52 24.25 14.97 23.77
N GLU D 53 24.78 14.15 24.65
CA GLU D 53 25.08 12.78 24.26
C GLU D 53 23.82 12.03 23.89
N ALA D 54 22.74 12.25 24.63
CA ALA D 54 21.50 11.56 24.32
C ALA D 54 20.95 12.05 23.00
N GLU D 55 21.07 13.35 22.73
CA GLU D 55 20.59 13.87 21.46
C GLU D 55 21.37 13.30 20.30
N LEU D 56 22.68 13.16 20.48
CA LEU D 56 23.52 12.61 19.43
C LEU D 56 23.20 11.15 19.21
N ALA D 57 22.96 10.40 20.29
CA ALA D 57 22.61 9.00 20.11
C ALA D 57 21.32 8.87 19.36
N ARG D 58 20.35 9.73 19.66
CA ARG D 58 19.08 9.65 18.97
C ARG D 58 19.24 10.00 17.51
N MET D 59 20.05 11.01 17.19
CA MET D 59 20.24 11.36 15.80
C MET D 59 20.94 10.26 15.04
N LYS D 60 21.88 9.55 15.68
CA LYS D 60 22.54 8.45 15.03
C LYS D 60 21.54 7.34 14.76
N GLN D 61 20.64 7.09 15.71
CA GLN D 61 19.63 6.07 15.51
C GLN D 61 18.66 6.43 14.40
N GLN D 62 18.28 7.71 14.32
CA GLN D 62 17.35 8.17 13.31
C GLN D 62 17.98 8.01 11.94
N HIS D 63 19.27 8.32 11.85
CA HIS D 63 20.03 8.18 10.63
C HIS D 63 20.05 6.75 10.17
N MET D 64 20.41 5.84 11.08
CA MET D 64 20.50 4.45 10.74
C MET D 64 19.16 3.90 10.30
N THR D 65 18.10 4.31 10.98
CA THR D 65 16.78 3.85 10.64
C THR D 65 16.37 4.32 9.26
N ALA D 66 16.59 5.61 8.97
CA ALA D 66 16.18 6.13 7.69
C ALA D 66 16.94 5.43 6.58
N TYR D 67 18.22 5.16 6.80
CA TYR D 67 19.02 4.48 5.83
C TYR D 67 18.48 3.11 5.55
N LEU D 68 18.20 2.35 6.61
CA LEU D 68 17.71 1.00 6.43
C LEU D 68 16.39 1.00 5.70
N GLN D 69 15.52 1.95 6.03
CA GLN D 69 14.24 1.98 5.37
C GLN D 69 14.37 2.28 3.90
N ALA D 70 15.22 3.24 3.55
CA ALA D 70 15.39 3.57 2.16
C ALA D 70 16.06 2.46 1.40
N ALA D 71 17.03 1.82 2.06
CA ALA D 71 17.76 0.75 1.42
C ALA D 71 16.85 -0.43 1.18
N LEU D 72 16.00 -0.73 2.16
CA LEU D 72 15.12 -1.86 2.03
C LEU D 72 14.08 -1.59 0.98
N THR D 73 13.57 -0.35 0.93
CA THR D 73 12.59 -0.02 -0.07
C THR D 73 13.23 -0.12 -1.44
N ALA D 74 14.45 0.39 -1.58
CA ALA D 74 15.10 0.33 -2.87
C ALA D 74 15.30 -1.11 -3.29
N TRP D 75 15.64 -1.98 -2.35
CA TRP D 75 15.83 -3.38 -2.67
C TRP D 75 14.53 -3.99 -3.12
N GLU D 76 13.43 -3.63 -2.45
CA GLU D 76 12.12 -4.14 -2.84
C GLU D 76 11.80 -3.73 -4.27
N ILE D 77 12.11 -2.48 -4.61
CA ILE D 77 11.81 -1.97 -5.93
C ILE D 77 12.65 -2.74 -6.93
N ILE D 78 13.92 -2.93 -6.62
CA ILE D 78 14.82 -3.62 -7.52
C ILE D 78 14.38 -5.04 -7.75
N SER D 79 14.03 -5.77 -6.69
CA SER D 79 13.61 -7.14 -6.91
C SER D 79 12.34 -7.19 -7.73
N LYS D 80 11.40 -6.28 -7.48
CA LYS D 80 10.17 -6.26 -8.26
C LYS D 80 10.46 -5.94 -9.70
N SER D 81 11.40 -5.03 -9.94
CA SER D 81 11.75 -4.64 -11.28
C SER D 81 12.36 -5.81 -12.02
N VAL D 82 13.24 -6.58 -11.36
CA VAL D 82 13.86 -7.71 -12.02
C VAL D 82 12.83 -8.75 -12.33
N ILE D 83 11.94 -9.06 -11.40
CA ILE D 83 10.94 -10.07 -11.69
C ILE D 83 10.07 -9.58 -12.84
N ALA D 84 9.67 -8.31 -12.83
CA ALA D 84 8.84 -7.84 -13.92
C ALA D 84 9.57 -8.03 -15.24
N LEU D 85 10.88 -7.75 -15.27
CA LEU D 85 11.60 -7.94 -16.51
C LEU D 85 11.63 -9.39 -16.90
N LEU D 86 11.80 -10.29 -15.94
CA LEU D 86 11.83 -11.70 -16.28
C LEU D 86 10.50 -12.15 -16.84
N LEU D 87 9.41 -11.63 -16.30
CA LEU D 87 8.11 -11.99 -16.81
C LEU D 87 7.94 -11.45 -18.21
N LEU D 88 8.45 -10.25 -18.47
CA LEU D 88 8.35 -9.67 -19.80
C LEU D 88 9.17 -10.51 -20.75
N GLN D 89 10.31 -11.02 -20.28
CA GLN D 89 11.17 -11.87 -21.08
C GLN D 89 10.46 -13.17 -21.39
N GLN D 90 9.71 -13.73 -20.43
CA GLN D 90 8.97 -14.95 -20.68
C GLN D 90 7.87 -14.69 -21.69
N ASN D 91 7.25 -13.52 -21.62
CA ASN D 91 6.20 -13.23 -22.58
C ASN D 91 6.82 -13.11 -23.97
N GLN D 92 8.00 -12.49 -24.03
CA GLN D 92 8.72 -12.27 -25.26
C GLN D 92 9.17 -13.59 -25.83
N LEU D 93 9.54 -14.49 -24.92
CA LEU D 93 9.97 -15.82 -25.27
C LEU D 93 8.84 -16.54 -25.93
N ASN D 94 7.63 -16.46 -25.38
CA ASN D 94 6.52 -17.13 -26.04
C ASN D 94 6.18 -16.49 -27.37
N LEU D 95 6.36 -15.17 -27.50
CA LEU D 95 6.05 -14.56 -28.78
C LEU D 95 6.98 -15.13 -29.86
N GLU D 96 8.26 -15.34 -29.50
CA GLU D 96 9.23 -15.91 -30.41
C GLU D 96 9.03 -17.42 -30.62
N LEU D 97 8.74 -18.18 -29.55
CA LEU D 97 8.56 -19.64 -29.62
C LEU D 97 7.33 -20.01 -30.43
N ASN D 98 6.34 -19.13 -30.45
CA ASN D 98 5.10 -19.36 -31.15
C ASN D 98 5.19 -18.89 -32.61
N THR D 99 6.36 -18.41 -33.03
CA THR D 99 6.60 -17.95 -34.38
C THR D 99 7.63 -18.89 -34.97
N ASP D 100 8.79 -18.99 -34.32
CA ASP D 100 9.82 -19.92 -34.71
C ASP D 100 9.69 -21.12 -33.79
N THR D 101 9.07 -22.17 -34.29
CA THR D 101 8.71 -23.32 -33.50
C THR D 101 9.77 -24.40 -33.56
N ASP D 102 10.92 -24.09 -34.17
CA ASP D 102 12.00 -25.06 -34.25
C ASP D 102 12.50 -25.36 -32.86
N LYS D 103 12.43 -26.63 -32.49
CA LYS D 103 12.85 -27.10 -31.17
C LYS D 103 14.28 -26.68 -30.89
N ASN D 104 15.14 -26.65 -31.91
CA ASN D 104 16.53 -26.32 -31.67
C ASN D 104 16.70 -24.86 -31.25
N VAL D 105 15.83 -24.00 -31.74
CA VAL D 105 15.87 -22.60 -31.41
C VAL D 105 15.32 -22.49 -30.01
N ALA D 106 14.24 -23.22 -29.76
CA ALA D 106 13.64 -23.19 -28.45
C ALA D 106 14.63 -23.64 -27.39
N GLU D 107 15.45 -24.67 -27.63
CA GLU D 107 16.35 -25.07 -26.57
C GLU D 107 17.37 -23.99 -26.24
N GLU D 108 17.89 -23.28 -27.24
CA GLU D 108 18.88 -22.25 -26.92
C GLU D 108 18.21 -21.11 -26.16
N LEU D 109 16.98 -20.76 -26.54
CA LEU D 109 16.26 -19.69 -25.87
C LEU D 109 15.92 -20.09 -24.43
N LEU D 110 15.55 -21.36 -24.23
CA LEU D 110 15.20 -21.90 -22.94
C LEU D 110 16.41 -21.96 -22.04
N ARG D 111 17.60 -22.24 -22.63
CA ARG D 111 18.83 -22.24 -21.86
C ARG D 111 19.10 -20.83 -21.32
N ARG D 112 18.87 -19.80 -22.14
CA ARG D 112 19.07 -18.45 -21.62
C ARG D 112 18.07 -18.13 -20.52
N SER D 113 16.83 -18.58 -20.68
CA SER D 113 15.80 -18.32 -19.70
C SER D 113 16.17 -18.91 -18.35
N ARG D 114 16.67 -20.15 -18.37
CA ARG D 114 17.09 -20.81 -17.14
C ARG D 114 18.22 -20.04 -16.47
N GLU D 115 19.18 -19.53 -17.27
CA GLU D 115 20.28 -18.76 -16.71
C GLU D 115 19.78 -17.49 -16.06
N TYR D 116 18.79 -16.83 -16.68
CA TYR D 116 18.31 -15.60 -16.10
C TYR D 116 17.59 -15.85 -14.78
N LEU D 117 16.88 -16.99 -14.69
CA LEU D 117 16.22 -17.32 -13.44
C LEU D 117 17.25 -17.59 -12.35
N LYS D 118 18.33 -18.31 -12.67
CA LYS D 118 19.34 -18.53 -11.66
C LYS D 118 19.93 -17.20 -11.19
N LYS D 119 20.18 -16.29 -12.13
CA LYS D 119 20.77 -15.02 -11.80
C LYS D 119 19.90 -14.21 -10.86
N VAL D 120 18.58 -14.20 -11.07
CA VAL D 120 17.78 -13.47 -10.11
C VAL D 120 17.76 -14.15 -8.77
N ALA D 121 17.77 -15.48 -8.73
CA ALA D 121 17.79 -16.11 -7.44
C ALA D 121 19.05 -15.67 -6.69
N LEU D 122 20.18 -15.55 -7.40
CA LEU D 122 21.41 -15.12 -6.78
C LEU D 122 21.30 -13.68 -6.30
N ILE D 123 20.60 -12.83 -7.06
CA ILE D 123 20.42 -11.44 -6.67
C ILE D 123 19.62 -11.37 -5.37
N GLN D 124 18.55 -12.13 -5.28
CA GLN D 124 17.76 -12.09 -4.06
C GLN D 124 18.54 -12.62 -2.88
N LEU D 125 19.38 -13.64 -3.08
CA LEU D 125 20.15 -14.15 -1.98
C LEU D 125 21.09 -13.09 -1.46
N VAL D 126 21.69 -12.31 -2.37
CA VAL D 126 22.56 -11.23 -1.95
C VAL D 126 21.78 -10.18 -1.20
N ILE D 127 20.60 -9.81 -1.68
CA ILE D 127 19.83 -8.81 -0.97
C ILE D 127 19.45 -9.28 0.40
N ALA D 128 18.96 -10.52 0.52
CA ALA D 128 18.55 -11.02 1.81
C ALA D 128 19.73 -11.05 2.77
N PHE D 129 20.89 -11.42 2.25
CA PHE D 129 22.11 -11.43 3.04
C PHE D 129 22.44 -10.06 3.55
N VAL D 130 22.45 -9.08 2.66
CA VAL D 130 22.82 -7.74 3.06
C VAL D 130 21.84 -7.21 4.06
N PHE D 131 20.54 -7.43 3.84
CA PHE D 131 19.58 -6.96 4.80
C PHE D 131 19.86 -7.51 6.15
N LEU D 132 20.07 -8.82 6.27
CA LEU D 132 20.28 -9.36 7.58
C LEU D 132 21.52 -8.81 8.24
N ILE D 133 22.61 -8.70 7.50
CA ILE D 133 23.82 -8.21 8.13
C ILE D 133 23.64 -6.78 8.55
N LEU D 134 23.01 -5.98 7.69
CA LEU D 134 22.79 -4.60 7.99
C LEU D 134 21.87 -4.45 9.19
N LEU D 135 20.82 -5.28 9.29
CA LEU D 135 19.93 -5.17 10.42
C LEU D 135 20.69 -5.47 11.70
N ILE D 136 21.54 -6.50 11.67
CA ILE D 136 22.31 -6.89 12.84
C ILE D 136 23.24 -5.78 13.25
N LEU D 137 23.94 -5.20 12.28
CA LEU D 137 24.89 -4.15 12.58
C LEU D 137 24.24 -2.91 13.13
N LEU D 138 23.17 -2.47 12.51
CA LEU D 138 22.56 -1.26 12.96
C LEU D 138 21.93 -1.47 14.32
N SER D 139 21.35 -2.66 14.55
CA SER D 139 20.73 -2.94 15.81
C SER D 139 21.78 -2.99 16.89
N TRP D 140 22.94 -3.57 16.58
CA TRP D 140 24.04 -3.63 17.51
C TRP D 140 24.49 -2.23 17.89
N ARG D 141 24.67 -1.35 16.89
CA ARG D 141 25.12 -0.01 17.18
C ARG D 141 24.11 0.72 18.07
N SER D 142 22.83 0.52 17.80
CA SER D 142 21.78 1.16 18.58
C SER D 142 21.81 0.72 20.03
N GLU D 143 21.95 -0.60 20.27
CA GLU D 143 21.99 -1.08 21.63
C GLU D 143 23.18 -0.51 22.36
N GLU D 144 24.32 -0.42 21.68
CA GLU D 144 25.51 0.10 22.32
C GLU D 144 25.36 1.57 22.65
N LEU D 145 24.69 2.35 21.80
CA LEU D 145 24.50 3.75 22.11
C LEU D 145 23.65 3.90 23.36
N ILE D 146 22.60 3.07 23.47
CA ILE D 146 21.74 3.16 24.63
C ILE D 146 22.51 2.76 25.88
N ARG D 147 23.27 1.66 25.78
CA ARG D 147 24.04 1.19 26.92
C ARG D 147 24.97 2.27 27.42
N GLU D 148 25.69 2.94 26.51
CA GLU D 148 26.58 3.97 26.98
C GLU D 148 25.84 5.13 27.63
N LEU D 149 24.68 5.52 27.10
CA LEU D 149 24.00 6.65 27.74
C LEU D 149 23.60 6.28 29.15
N GLU D 150 23.15 5.03 29.34
CA GLU D 150 22.73 4.58 30.65
C GLU D 150 23.88 4.55 31.64
N GLU D 151 25.04 4.04 31.21
CA GLU D 151 26.20 3.96 32.09
C GLU D 151 26.77 5.33 32.41
N LYS D 152 26.71 6.23 31.44
CA LYS D 152 27.20 7.60 31.58
C LYS D 152 26.25 8.48 32.36
N GLY D 153 24.96 8.14 32.39
CA GLY D 153 23.99 8.98 33.08
C GLY D 153 23.58 10.15 32.20
N ALA D 154 23.64 9.92 30.88
CA ALA D 154 23.33 10.94 29.88
C ALA D 154 21.83 11.06 29.62
N ALA D 155 21.05 10.15 30.20
CA ALA D 155 19.60 10.13 30.00
C ALA D 155 18.91 9.55 31.23
N SER D 156 17.66 9.95 31.46
CA SER D 156 16.87 9.44 32.58
C SER D 156 16.40 8.03 32.30
N GLU D 157 15.91 7.34 33.32
CA GLU D 157 15.45 5.99 33.12
C GLU D 157 14.29 5.95 32.14
N ALA D 158 13.39 6.93 32.23
CA ALA D 158 12.25 6.92 31.33
C ALA D 158 12.70 7.17 29.90
N GLU D 159 13.70 8.06 29.72
CA GLU D 159 14.19 8.32 28.38
C GLU D 159 14.85 7.10 27.80
N LEU D 160 15.61 6.39 28.62
CA LEU D 160 16.29 5.21 28.18
C LEU D 160 15.31 4.12 27.87
N ALA D 161 14.26 3.97 28.68
CA ALA D 161 13.28 2.96 28.41
C ALA D 161 12.61 3.24 27.09
N ARG D 162 12.34 4.52 26.80
CA ARG D 162 11.73 4.86 25.55
C ARG D 162 12.64 4.55 24.39
N MET D 163 13.95 4.81 24.54
CA MET D 163 14.86 4.50 23.45
C MET D 163 14.89 3.01 23.21
N LYS D 164 14.86 2.21 24.29
CA LYS D 164 14.88 0.76 24.17
C LYS D 164 13.62 0.29 23.46
N GLN D 165 12.49 0.89 23.78
CA GLN D 165 11.24 0.51 23.15
C GLN D 165 11.21 0.89 21.68
N GLN D 166 11.75 2.06 21.34
CA GLN D 166 11.80 2.54 19.96
C GLN D 166 12.71 1.65 19.16
N HIS D 167 13.81 1.23 19.78
CA HIS D 167 14.77 0.33 19.20
C HIS D 167 14.14 -1.00 18.87
N MET D 168 13.44 -1.58 19.84
CA MET D 168 12.79 -2.86 19.64
C MET D 168 11.76 -2.77 18.56
N THR D 169 11.03 -1.66 18.52
CA THR D 169 10.02 -1.48 17.52
C THR D 169 10.62 -1.39 16.13
N ALA D 170 11.67 -0.59 15.97
CA ALA D 170 12.28 -0.44 14.67
C ALA D 170 12.85 -1.75 14.18
N TYR D 171 13.44 -2.51 15.09
CA TYR D 171 13.98 -3.81 14.77
C TYR D 171 12.94 -4.74 14.25
N LEU D 172 11.84 -4.86 14.98
CA LEU D 172 10.85 -5.81 14.59
C LEU D 172 10.20 -5.38 13.30
N GLN D 173 9.98 -4.08 13.13
CA GLN D 173 9.34 -3.63 11.91
C GLN D 173 10.23 -3.91 10.72
N ALA D 174 11.53 -3.68 10.85
CA ALA D 174 12.40 -3.93 9.73
C ALA D 174 12.41 -5.41 9.41
N ALA D 175 12.42 -6.23 10.45
CA ALA D 175 12.45 -7.65 10.25
C ALA D 175 11.18 -8.14 9.59
N LEU D 176 10.03 -7.60 9.99
CA LEU D 176 8.74 -7.99 9.42
C LEU D 176 8.64 -7.53 7.98
N THR D 177 9.14 -6.34 7.70
CA THR D 177 9.08 -5.81 6.36
C THR D 177 9.93 -6.65 5.45
N ALA D 178 11.15 -6.97 5.89
CA ALA D 178 12.02 -7.77 5.06
C ALA D 178 11.41 -9.14 4.87
N TRP D 179 10.75 -9.67 5.90
CA TRP D 179 10.14 -10.98 5.77
C TRP D 179 9.14 -10.95 4.65
N GLU D 180 8.25 -9.96 4.63
CA GLU D 180 7.26 -9.92 3.58
C GLU D 180 7.89 -9.83 2.20
N ILE D 181 8.91 -9.00 2.07
CA ILE D 181 9.55 -8.79 0.78
C ILE D 181 10.24 -10.03 0.28
N ILE D 182 11.00 -10.67 1.15
CA ILE D 182 11.75 -11.83 0.79
C ILE D 182 10.82 -12.96 0.44
N SER D 183 9.77 -13.17 1.24
CA SER D 183 8.85 -14.24 0.95
C SER D 183 8.19 -14.03 -0.40
N LYS D 184 7.79 -12.80 -0.73
CA LYS D 184 7.18 -12.57 -2.02
C LYS D 184 8.14 -12.87 -3.14
N SER D 185 9.40 -12.51 -2.96
CA SER D 185 10.41 -12.78 -3.97
C SER D 185 10.56 -14.29 -4.17
N VAL D 186 10.60 -15.04 -3.08
CA VAL D 186 10.73 -16.49 -3.17
C VAL D 186 9.56 -17.11 -3.90
N ILE D 187 8.36 -16.63 -3.61
CA ILE D 187 7.17 -17.11 -4.26
C ILE D 187 7.29 -16.83 -5.75
N ALA D 188 7.71 -15.62 -6.12
CA ALA D 188 7.87 -15.29 -7.52
C ALA D 188 8.89 -16.20 -8.18
N LEU D 189 9.97 -16.54 -7.48
CA LEU D 189 10.99 -17.38 -8.08
C LEU D 189 10.40 -18.75 -8.38
N LEU D 190 9.57 -19.26 -7.48
CA LEU D 190 8.95 -20.54 -7.75
C LEU D 190 7.98 -20.45 -8.90
N LEU D 191 7.20 -19.38 -8.99
CA LEU D 191 6.27 -19.28 -10.08
C LEU D 191 7.03 -19.24 -11.40
N LEU D 192 8.17 -18.55 -11.43
CA LEU D 192 8.97 -18.48 -12.63
C LEU D 192 9.52 -19.86 -12.96
N GLN D 193 9.91 -20.65 -11.95
CA GLN D 193 10.41 -22.00 -12.17
C GLN D 193 9.32 -22.90 -12.72
N GLN D 194 8.08 -22.70 -12.27
CA GLN D 194 6.98 -23.50 -12.78
C GLN D 194 6.76 -23.16 -14.24
N ASN D 195 6.91 -21.88 -14.59
CA ASN D 195 6.75 -21.50 -15.98
C ASN D 195 7.90 -22.09 -16.79
N GLN D 196 9.10 -22.15 -16.19
CA GLN D 196 10.28 -22.69 -16.88
C GLN D 196 10.03 -24.15 -17.20
N LEU D 197 9.39 -24.86 -16.29
CA LEU D 197 9.09 -26.25 -16.53
C LEU D 197 8.14 -26.43 -17.68
N ASN D 198 7.06 -25.66 -17.71
CA ASN D 198 6.11 -25.86 -18.78
C ASN D 198 6.69 -25.46 -20.14
N LEU D 199 7.54 -24.43 -20.15
CA LEU D 199 8.16 -23.98 -21.38
C LEU D 199 9.07 -25.07 -21.94
N GLU D 200 9.80 -25.76 -21.07
CA GLU D 200 10.65 -26.84 -21.51
C GLU D 200 9.88 -28.10 -21.93
N LEU D 201 8.82 -28.45 -21.19
CA LEU D 201 8.06 -29.66 -21.50
C LEU D 201 7.38 -29.57 -22.85
N ARG D 202 6.96 -28.37 -23.21
CA ARG D 202 6.30 -28.13 -24.49
C ARG D 202 7.22 -28.06 -25.74
N HIS D 203 8.57 -28.06 -25.59
CA HIS D 203 9.56 -27.96 -26.68
C HIS D 203 10.67 -29.04 -26.51
#